data_7SK8
#
_entry.id   7SK8
#
_cell.length_a   1.00
_cell.length_b   1.00
_cell.length_c   1.00
_cell.angle_alpha   90.00
_cell.angle_beta   90.00
_cell.angle_gamma   90.00
#
_symmetry.space_group_name_H-M   'P 1'
#
loop_
_entity.id
_entity.type
_entity.pdbx_description
1 polymer 'Atypical chemokine receptor 3'
2 polymer 'Stromal cell-derived factor 1'
3 polymer 'CID25 Fab light chain'
4 polymer 'CID25 Fab heavy chain'
5 polymer 'CID24 Fab light chain'
6 polymer 'CID24 Fab heavy chain'
7 non-polymer CHOLESTEROL
8 non-polymer 'Lauryl Maltose Neopentyl Glycol'
9 non-polymer (1R)-4-[7-(3-carboxypropoxy)-6-methylquinolin-8-yl]-1-{[2-(4-hydroxypiperidin-1-yl)-1,3-thiazol-4-yl]methyl}-1,4-diazepan-1-ium
#
loop_
_entity_poly.entity_id
_entity_poly.type
_entity_poly.pdbx_seq_one_letter_code
_entity_poly.pdbx_strand_id
1 'polypeptide(L)'
;GAPDLHLFDYSEPGNFSDISWPCNSSDCIVVDTVMCPNMPNKSVLLYTLSFIYIFIFVIGMIANSVVVWVNIQAKTTGYD
THCYILNLAIADLWVVLTIPVWVVSLVQHNQWPMGELTCKVTHLIFSINLFGSIFFLTCMSVDRYLSITYFTNTPSSRKK
MVRRVVCILVWLLAFCVSLPDTYYLKTVTSASNNETYCRSFYPEHSIKEWLIGMELVSVVLGFAVPFSIIAVFYFLLARA
ISASSDQEKHSSRKIIFSYVVVFLVCWLPYHVAVLLDIFSILHYIPFTCRLEHALFTALHVTQCLSLVHCCVNPVLYSFI
NRNYRYELMKAFIFKYSAKTGLTKLIDASRVSETEYSALEQSTKGRPLEVLFQGPHHHHHHHHHHDYKDDDDK
;
A
2 'polypeptide(L)' KPVSLSYRCPCRFFESHVARANVKHLKILNTPNCALQIVARLKNNNRQVCIDPKLKWIQEYLEKALNK B
3 'polypeptide(L)'
;SDIQMTQSPSSLSASVGDRVTITCRASQSVSSAVAWYQQKPGKAPKLLIYSASSLYSGVPSRFSGSRSGTDFTLTISSLQ
PEDFATYYCQQYYYPLFTFGQGTKVEIKRTVAAPSVFIFPPSDSQLKSGTASVVCLLNNFYPREAKVQWKVDNALQSGNS
QESVTEQDSKDSTYSLSSTLTLSKADYEKHKVYACEVTHQGLSSPVTKSFNRGEC
;
C
4 'polypeptide(L)'
;EISEVQLVESGGGLVQPGGSLRLSCAASGFNFSYSSIHWVRQAPGKGLEWVAYIYSSYGYTSYADSVKGRFTISADTSKN
TAYLQMNSLRAEDTAVYYCARVYPWWYYKYYHGALDYWGQGTLVTVSSASTKGPSVFPLAPSSKSTSGGTAALGCLVKDY
FPEPVTVSWNSGALTSGVHTFPAVLQSSGLYSLSSVVTVPSSSLGTQTYICNVNHKPSNTKVDKKVEPKSCDKTHT
;
D
5 'polypeptide(L)'
;SDIQMTQSPSSLSASVGDRVTITCRASQSVSSAVAWYQQKPGKAPKLLIYSASSLYSGVPSRFSGSRSGTDFTLTISSLQ
PEDFATYYCQQSYYYPITFGQGTKVEIKRTVAAPSVFIFPPSDSQLKSGTASVVCLLNNFYPREAKVQWKVDNALQSGNS
QESVTEQDSKDSTYSLSSTLTLSKADYEKHKVYACEVTHQGLSSPVTKSFNRGEC
;
E
6 'polypeptide(L)'
;EISEVQLVESGGGLVQPGGSLRLSCAASGFNISSSSIHWVRQAPGKGLEWVASISPSYGYTSYADSVKGRFTISADTSKN
TAYLQMNSLRAEDTAVYYCARVSYWDWTWGWSKYEGMDYWGQGTLVTVSSASTKGPSVFPLAPSSKSTSGGTAALGCLVK
DYFPEPVTVSWNSGALTSGVHTFPAVLQSSGLYSLSSVVTVPSSSLGTQTYICNVNHKPSNTKVDKKVEPKSCDKTHT
;
F
#
# COMPACT_ATOMS: atom_id res chain seq x y z
N CYS A 28 -23.79 -34.07 -25.82
CA CYS A 28 -22.44 -34.61 -25.74
C CYS A 28 -21.58 -33.81 -24.77
N ILE A 29 -22.22 -33.25 -23.75
CA ILE A 29 -21.54 -32.47 -22.71
C ILE A 29 -21.78 -33.16 -21.38
N VAL A 30 -20.71 -33.44 -20.65
CA VAL A 30 -20.79 -34.09 -19.35
C VAL A 30 -20.77 -33.00 -18.29
N VAL A 31 -21.77 -33.00 -17.41
CA VAL A 31 -21.92 -31.98 -16.38
C VAL A 31 -21.45 -32.61 -15.08
N ASP A 32 -20.18 -32.39 -14.74
CA ASP A 32 -19.65 -32.86 -13.48
C ASP A 32 -19.98 -31.86 -12.36
N THR A 33 -19.80 -32.31 -11.13
CA THR A 33 -20.04 -31.47 -9.96
C THR A 33 -18.90 -31.65 -8.99
N VAL A 34 -18.59 -30.58 -8.25
CA VAL A 34 -17.50 -30.60 -7.28
C VAL A 34 -17.85 -29.71 -6.10
N MET A 35 -17.93 -30.28 -4.91
CA MET A 35 -18.25 -29.54 -3.70
C MET A 35 -16.99 -29.42 -2.86
N CYS A 36 -16.60 -28.17 -2.57
CA CYS A 36 -15.38 -27.92 -1.81
C CYS A 36 -15.73 -27.84 -0.33
N PRO A 37 -15.17 -28.72 0.52
CA PRO A 37 -15.48 -28.62 1.96
C PRO A 37 -14.98 -27.31 2.55
N ASN A 38 -15.25 -27.09 3.84
CA ASN A 38 -14.80 -25.88 4.51
C ASN A 38 -13.31 -25.99 4.84
N MET A 39 -12.72 -24.86 5.18
CA MET A 39 -11.29 -24.83 5.48
C MET A 39 -11.06 -25.53 6.83
N PRO A 40 -10.31 -26.64 6.87
CA PRO A 40 -10.17 -27.38 8.13
C PRO A 40 -9.34 -26.68 9.18
N ASN A 41 -8.14 -26.24 8.80
CA ASN A 41 -7.12 -25.82 9.76
C ASN A 41 -6.62 -24.42 9.42
N LYS A 42 -7.54 -23.49 9.18
CA LYS A 42 -7.17 -22.10 9.00
C LYS A 42 -7.08 -21.35 10.33
N SER A 43 -7.77 -21.84 11.36
CA SER A 43 -7.76 -21.16 12.65
C SER A 43 -6.35 -21.11 13.23
N VAL A 44 -5.61 -22.23 13.13
CA VAL A 44 -4.25 -22.25 13.63
C VAL A 44 -3.38 -21.23 12.88
N LEU A 45 -3.55 -21.16 11.56
CA LEU A 45 -2.75 -20.22 10.77
C LEU A 45 -3.03 -18.79 11.17
N LEU A 46 -4.30 -18.43 11.34
CA LEU A 46 -4.64 -17.06 11.73
C LEU A 46 -4.14 -16.75 13.13
N TYR A 47 -4.22 -17.71 14.05
CA TYR A 47 -3.67 -17.49 15.39
C TYR A 47 -2.19 -17.15 15.33
N THR A 48 -1.41 -17.96 14.62
CA THR A 48 0.03 -17.73 14.55
C THR A 48 0.35 -16.41 13.85
N LEU A 49 -0.39 -16.09 12.78
CA LEU A 49 -0.13 -14.84 12.06
C LEU A 49 -0.37 -13.62 12.94
N SER A 50 -1.45 -13.64 13.72
CA SER A 50 -1.70 -12.53 14.64
C SER A 50 -0.63 -12.46 15.72
N PHE A 51 -0.20 -13.61 16.24
CA PHE A 51 0.84 -13.61 17.26
C PHE A 51 2.12 -12.95 16.76
N ILE A 52 2.43 -13.12 15.48
CA ILE A 52 3.62 -12.50 14.92
C ILE A 52 3.38 -11.05 14.52
N TYR A 53 2.16 -10.71 14.11
CA TYR A 53 1.88 -9.31 13.78
C TYR A 53 2.02 -8.42 15.00
N ILE A 54 1.73 -8.95 16.19
CA ILE A 54 1.91 -8.17 17.42
C ILE A 54 3.38 -7.78 17.57
N PHE A 55 4.29 -8.74 17.39
CA PHE A 55 5.71 -8.43 17.51
C PHE A 55 6.14 -7.43 16.45
N ILE A 56 5.69 -7.60 15.21
CA ILE A 56 6.05 -6.64 14.17
C ILE A 56 5.60 -5.24 14.58
N PHE A 57 4.35 -5.13 15.04
CA PHE A 57 3.84 -3.83 15.44
C PHE A 57 4.68 -3.22 16.55
N VAL A 58 4.94 -3.99 17.62
CA VAL A 58 5.68 -3.43 18.75
C VAL A 58 7.06 -2.97 18.32
N ILE A 59 7.81 -3.84 17.64
CA ILE A 59 9.19 -3.54 17.30
C ILE A 59 9.26 -2.43 16.26
N GLY A 60 8.43 -2.50 15.24
CA GLY A 60 8.42 -1.46 14.23
C GLY A 60 8.08 -0.09 14.80
N MET A 61 7.07 -0.03 15.67
CA MET A 61 6.69 1.23 16.29
C MET A 61 7.87 1.83 17.07
N ILE A 62 8.49 1.03 17.93
CA ILE A 62 9.57 1.54 18.78
C ILE A 62 10.74 2.03 17.92
N ALA A 63 11.17 1.20 16.97
CA ALA A 63 12.36 1.52 16.18
C ALA A 63 12.16 2.78 15.35
N ASN A 64 11.02 2.90 14.68
CA ASN A 64 10.78 4.06 13.83
C ASN A 64 10.66 5.35 14.64
N SER A 65 10.02 5.28 15.81
CA SER A 65 9.94 6.45 16.67
C SER A 65 11.31 6.93 17.10
N VAL A 66 12.20 6.01 17.48
CA VAL A 66 13.54 6.40 17.90
C VAL A 66 14.29 7.05 16.74
N VAL A 67 14.17 6.49 15.53
CA VAL A 67 14.88 7.04 14.39
C VAL A 67 14.46 8.47 14.13
N VAL A 68 13.14 8.72 14.13
CA VAL A 68 12.63 10.07 13.89
C VAL A 68 13.09 11.01 14.98
N TRP A 69 13.01 10.58 16.24
CA TRP A 69 13.43 11.44 17.34
C TRP A 69 14.88 11.87 17.19
N VAL A 70 15.79 10.92 16.95
CA VAL A 70 17.20 11.27 16.85
C VAL A 70 17.47 12.10 15.61
N ASN A 71 16.77 11.79 14.51
CA ASN A 71 16.98 12.57 13.28
C ASN A 71 16.61 14.03 13.50
N ILE A 72 15.51 14.29 14.20
CA ILE A 72 15.12 15.68 14.47
C ILE A 72 16.08 16.31 15.48
N GLN A 73 16.47 15.56 16.50
CA GLN A 73 17.20 16.12 17.63
C GLN A 73 18.70 16.16 17.40
N ALA A 74 19.21 15.54 16.35
CA ALA A 74 20.64 15.55 16.08
C ALA A 74 21.07 16.76 15.27
N LYS A 75 20.13 17.57 14.78
CA LYS A 75 20.49 18.79 14.06
C LYS A 75 21.01 19.87 14.99
N THR A 76 20.74 19.78 16.29
CA THR A 76 21.24 20.73 17.27
C THR A 76 22.68 20.44 17.67
N THR A 77 23.26 19.34 17.22
CA THR A 77 24.64 19.00 17.50
C THR A 77 25.56 19.29 16.31
N GLY A 78 25.00 19.60 15.14
CA GLY A 78 25.79 19.91 13.97
C GLY A 78 25.75 18.87 12.87
N TYR A 79 25.04 17.77 13.07
CA TYR A 79 25.01 16.72 12.05
C TYR A 79 24.24 17.19 10.83
N ASP A 80 24.62 16.64 9.68
CA ASP A 80 23.91 16.86 8.42
C ASP A 80 22.98 15.67 8.17
N THR A 81 21.95 15.59 9.02
CA THR A 81 21.02 14.47 8.93
C THR A 81 20.29 14.50 7.60
N HIS A 82 19.88 13.31 7.15
CA HIS A 82 19.39 13.10 5.79
C HIS A 82 17.88 13.06 5.78
N CYS A 83 17.28 13.65 4.75
CA CYS A 83 15.82 13.75 4.68
C CYS A 83 15.19 12.39 4.41
N TYR A 84 15.80 11.57 3.54
CA TYR A 84 15.19 10.31 3.18
C TYR A 84 15.03 9.40 4.39
N ILE A 85 16.03 9.37 5.27
CA ILE A 85 15.97 8.50 6.44
C ILE A 85 14.93 8.98 7.45
N LEU A 86 14.48 10.23 7.33
CA LEU A 86 13.38 10.71 8.16
C LEU A 86 12.03 10.39 7.54
N ASN A 87 11.89 10.64 6.23
CA ASN A 87 10.64 10.33 5.55
C ASN A 87 10.38 8.83 5.55
N LEU A 88 11.43 8.04 5.36
CA LEU A 88 11.29 6.59 5.41
C LEU A 88 10.81 6.12 6.77
N ALA A 89 11.37 6.69 7.84
CA ALA A 89 10.93 6.32 9.17
C ALA A 89 9.47 6.67 9.38
N ILE A 90 9.04 7.86 8.93
CA ILE A 90 7.65 8.26 9.09
C ILE A 90 6.73 7.31 8.32
N ALA A 91 7.10 6.96 7.08
CA ALA A 91 6.24 6.09 6.28
C ALA A 91 6.12 4.71 6.90
N ASP A 92 7.23 4.15 7.39
CA ASP A 92 7.18 2.86 8.05
C ASP A 92 6.32 2.93 9.31
N LEU A 93 6.43 4.04 10.06
CA LEU A 93 5.61 4.21 11.24
C LEU A 93 4.12 4.22 10.91
N TRP A 94 3.73 4.92 9.85
CA TRP A 94 2.32 4.96 9.47
C TRP A 94 1.79 3.59 9.09
N VAL A 95 2.57 2.81 8.33
CA VAL A 95 2.14 1.47 7.96
C VAL A 95 1.99 0.60 9.19
N VAL A 96 2.93 0.70 10.13
CA VAL A 96 2.85 -0.09 11.34
C VAL A 96 1.62 0.30 12.15
N LEU A 97 1.20 1.56 12.07
CA LEU A 97 0.06 2.02 12.85
C LEU A 97 -1.24 1.32 12.46
N THR A 98 -1.33 0.79 11.25
CA THR A 98 -2.56 0.15 10.78
C THR A 98 -2.57 -1.35 11.02
N ILE A 99 -1.52 -1.92 11.60
CA ILE A 99 -1.52 -3.36 11.88
C ILE A 99 -2.64 -3.73 12.83
N PRO A 100 -2.95 -2.96 13.89
CA PRO A 100 -4.05 -3.37 14.77
C PRO A 100 -5.36 -3.55 14.03
N VAL A 101 -5.66 -2.68 13.07
CA VAL A 101 -6.89 -2.82 12.30
C VAL A 101 -6.89 -4.12 11.52
N TRP A 102 -5.77 -4.44 10.87
CA TRP A 102 -5.67 -5.67 10.09
C TRP A 102 -5.83 -6.90 10.97
N VAL A 103 -5.23 -6.89 12.16
CA VAL A 103 -5.35 -8.02 13.06
C VAL A 103 -6.79 -8.21 13.50
N VAL A 104 -7.49 -7.13 13.82
CA VAL A 104 -8.88 -7.25 14.24
C VAL A 104 -9.71 -7.86 13.12
N SER A 105 -9.49 -7.42 11.87
CA SER A 105 -10.20 -7.99 10.74
C SER A 105 -9.78 -9.43 10.49
N LEU A 106 -8.52 -9.76 10.76
CA LEU A 106 -8.00 -11.09 10.43
C LEU A 106 -8.53 -12.15 11.39
N VAL A 107 -8.56 -11.84 12.68
CA VAL A 107 -8.95 -12.84 13.67
C VAL A 107 -10.37 -13.32 13.40
N GLN A 108 -11.25 -12.41 12.97
CA GLN A 108 -12.64 -12.76 12.70
C GLN A 108 -12.79 -13.37 11.32
N HIS A 109 -11.98 -14.39 11.02
CA HIS A 109 -12.08 -15.12 9.76
C HIS A 109 -12.15 -14.17 8.57
N ASN A 110 -11.35 -13.11 8.61
CA ASN A 110 -11.28 -12.13 7.54
C ASN A 110 -12.64 -11.47 7.30
N GLN A 111 -13.14 -10.82 8.35
CA GLN A 111 -14.40 -10.08 8.30
C GLN A 111 -14.17 -8.67 8.79
N TRP A 112 -15.05 -7.75 8.36
CA TRP A 112 -14.86 -6.32 8.59
C TRP A 112 -16.04 -5.77 9.38
N PRO A 113 -15.99 -5.81 10.71
CA PRO A 113 -17.05 -5.20 11.51
C PRO A 113 -17.20 -3.70 11.26
N MET A 114 -16.11 -3.00 11.00
CA MET A 114 -16.17 -1.55 10.85
C MET A 114 -16.95 -1.17 9.59
N GLY A 115 -17.12 0.13 9.38
CA GLY A 115 -17.89 0.63 8.27
C GLY A 115 -17.08 0.78 7.01
N GLU A 116 -17.73 1.33 5.98
CA GLU A 116 -17.06 1.54 4.70
C GLU A 116 -16.02 2.64 4.80
N LEU A 117 -16.31 3.70 5.56
CA LEU A 117 -15.35 4.79 5.70
C LEU A 117 -14.04 4.29 6.32
N THR A 118 -14.14 3.47 7.36
CA THR A 118 -12.93 2.97 8.01
C THR A 118 -12.10 2.14 7.04
N CYS A 119 -12.73 1.27 6.26
CA CYS A 119 -11.98 0.44 5.33
C CYS A 119 -11.29 1.30 4.28
N LYS A 120 -12.00 2.27 3.72
CA LYS A 120 -11.40 3.13 2.71
C LYS A 120 -10.21 3.90 3.29
N VAL A 121 -10.39 4.47 4.48
CA VAL A 121 -9.32 5.27 5.08
C VAL A 121 -8.11 4.39 5.40
N THR A 122 -8.35 3.22 5.99
CA THR A 122 -7.24 2.34 6.34
C THR A 122 -6.48 1.89 5.10
N HIS A 123 -7.20 1.51 4.04
CA HIS A 123 -6.53 1.09 2.82
CA HIS A 123 -6.53 1.09 2.82
C HIS A 123 -5.70 2.23 2.23
N LEU A 124 -6.26 3.44 2.19
CA LEU A 124 -5.53 4.57 1.64
C LEU A 124 -4.25 4.83 2.41
N ILE A 125 -4.34 4.89 3.74
CA ILE A 125 -3.15 5.16 4.55
C ILE A 125 -2.11 4.08 4.33
N PHE A 126 -2.52 2.81 4.42
CA PHE A 126 -1.58 1.71 4.28
C PHE A 126 -0.90 1.74 2.91
N SER A 127 -1.69 1.88 1.84
CA SER A 127 -1.12 1.85 0.50
C SER A 127 -0.16 3.00 0.27
N ILE A 128 -0.56 4.23 0.64
CA ILE A 128 0.31 5.38 0.40
C ILE A 128 1.64 5.21 1.10
N ASN A 129 1.61 4.83 2.38
CA ASN A 129 2.83 4.77 3.16
C ASN A 129 3.71 3.62 2.72
N LEU A 130 3.12 2.48 2.34
CA LEU A 130 3.91 1.35 1.87
C LEU A 130 4.63 1.70 0.57
N PHE A 131 3.90 2.30 -0.38
CA PHE A 131 4.54 2.70 -1.63
C PHE A 131 5.62 3.74 -1.39
N GLY A 132 5.34 4.69 -0.48
CA GLY A 132 6.34 5.69 -0.14
C GLY A 132 7.59 5.07 0.45
N SER A 133 7.44 4.07 1.31
CA SER A 133 8.60 3.42 1.90
C SER A 133 9.49 2.78 0.84
N ILE A 134 8.89 2.05 -0.10
CA ILE A 134 9.66 1.41 -1.15
C ILE A 134 10.36 2.44 -2.03
N PHE A 135 9.65 3.51 -2.39
CA PHE A 135 10.24 4.53 -3.24
C PHE A 135 11.42 5.23 -2.57
N PHE A 136 11.34 5.48 -1.26
CA PHE A 136 12.45 6.10 -0.57
C PHE A 136 13.66 5.18 -0.48
N LEU A 137 13.44 3.87 -0.38
CA LEU A 137 14.56 2.94 -0.43
C LEU A 137 15.30 3.06 -1.76
N THR A 138 14.56 3.10 -2.87
CA THR A 138 15.20 3.26 -4.17
C THR A 138 15.95 4.58 -4.26
N CYS A 139 15.34 5.66 -3.77
CA CYS A 139 15.99 6.97 -3.82
C CYS A 139 17.27 6.99 -3.01
N MET A 140 17.25 6.36 -1.82
CA MET A 140 18.47 6.28 -1.02
C MET A 140 19.56 5.48 -1.74
N SER A 141 19.17 4.40 -2.43
CA SER A 141 20.15 3.63 -3.18
C SER A 141 20.85 4.48 -4.23
N VAL A 142 20.08 5.30 -4.95
CA VAL A 142 20.67 6.17 -5.97
C VAL A 142 21.52 7.26 -5.31
N ASP A 143 21.00 7.86 -4.24
CA ASP A 143 21.68 9.00 -3.63
C ASP A 143 23.00 8.61 -2.99
N ARG A 144 23.09 7.38 -2.46
CA ARG A 144 24.33 6.94 -1.84
C ARG A 144 25.48 6.90 -2.84
N TYR A 145 25.20 6.46 -4.07
CA TYR A 145 26.23 6.44 -5.09
C TYR A 145 26.55 7.84 -5.59
N LEU A 146 25.52 8.66 -5.82
CA LEU A 146 25.76 10.02 -6.28
C LEU A 146 26.56 10.82 -5.27
N SER A 147 26.42 10.51 -3.99
CA SER A 147 27.14 11.26 -2.96
C SER A 147 28.64 11.04 -3.03
N ILE A 148 29.10 9.95 -3.65
CA ILE A 148 30.53 9.75 -3.87
C ILE A 148 30.92 10.42 -5.18
N THR A 149 30.28 10.00 -6.28
CA THR A 149 30.73 10.42 -7.60
C THR A 149 30.35 11.85 -7.91
N TYR A 150 29.13 12.28 -7.59
CA TYR A 150 28.60 13.54 -8.09
C TYR A 150 28.48 14.59 -7.00
N PHE A 151 27.74 14.33 -5.92
CA PHE A 151 27.54 15.33 -4.87
C PHE A 151 28.75 15.37 -3.95
N THR A 152 29.92 15.61 -4.55
CA THR A 152 31.16 15.71 -3.79
C THR A 152 31.74 17.12 -3.79
N ASN A 153 31.41 17.94 -4.79
CA ASN A 153 31.77 19.35 -4.83
C ASN A 153 30.53 20.22 -4.97
N THR A 154 29.42 19.80 -4.35
CA THR A 154 28.18 20.54 -4.39
C THR A 154 27.92 21.13 -3.02
N PRO A 155 27.66 22.45 -2.91
CA PRO A 155 27.44 23.04 -1.58
C PRO A 155 26.28 22.38 -0.86
N SER A 156 26.39 22.33 0.47
CA SER A 156 25.39 21.62 1.25
C SER A 156 24.00 22.17 1.00
N SER A 157 23.89 23.48 0.79
CA SER A 157 22.58 24.07 0.57
C SER A 157 21.93 23.54 -0.70
N ARG A 158 22.72 23.42 -1.78
CA ARG A 158 22.17 22.94 -3.04
C ARG A 158 21.66 21.51 -2.93
N LYS A 159 22.46 20.62 -2.31
CA LYS A 159 22.02 19.24 -2.18
C LYS A 159 20.83 19.11 -1.25
N LYS A 160 20.73 19.95 -0.22
CA LYS A 160 19.54 19.95 0.62
C LYS A 160 18.30 20.27 -0.19
N MET A 161 18.37 21.30 -1.05
CA MET A 161 17.22 21.66 -1.88
C MET A 161 16.84 20.51 -2.81
N VAL A 162 17.81 19.85 -3.43
CA VAL A 162 17.52 18.74 -4.33
C VAL A 162 16.81 17.62 -3.58
N ARG A 163 17.27 17.30 -2.37
CA ARG A 163 16.64 16.23 -1.60
C ARG A 163 15.21 16.59 -1.22
N ARG A 164 14.96 17.85 -0.87
CA ARG A 164 13.60 18.26 -0.54
C ARG A 164 12.66 18.12 -1.74
N VAL A 165 13.10 18.52 -2.92
CA VAL A 165 12.27 18.36 -4.11
C VAL A 165 11.95 16.89 -4.35
N VAL A 166 12.95 16.02 -4.21
CA VAL A 166 12.74 14.59 -4.43
C VAL A 166 11.75 14.03 -3.42
N CYS A 167 11.83 14.47 -2.16
CA CYS A 167 10.89 14.00 -1.15
C CYS A 167 9.46 14.35 -1.53
N ILE A 168 9.22 15.59 -1.96
CA ILE A 168 7.88 15.99 -2.34
C ILE A 168 7.38 15.14 -3.50
N LEU A 169 8.22 14.92 -4.51
CA LEU A 169 7.81 14.15 -5.67
C LEU A 169 7.48 12.70 -5.31
N VAL A 170 8.27 12.08 -4.44
CA VAL A 170 8.00 10.69 -4.08
C VAL A 170 6.68 10.57 -3.36
N TRP A 171 6.40 11.48 -2.42
CA TRP A 171 5.12 11.43 -1.71
C TRP A 171 3.96 11.63 -2.68
N LEU A 172 4.10 12.58 -3.59
CA LEU A 172 3.06 12.83 -4.58
C LEU A 172 2.81 11.58 -5.44
N LEU A 173 3.89 10.94 -5.90
CA LEU A 173 3.75 9.75 -6.74
C LEU A 173 3.08 8.61 -5.99
N ALA A 174 3.44 8.41 -4.72
CA ALA A 174 2.82 7.34 -3.93
C ALA A 174 1.32 7.57 -3.80
N PHE A 175 0.92 8.81 -3.50
CA PHE A 175 -0.50 9.12 -3.37
C PHE A 175 -1.25 8.88 -4.67
N CYS A 176 -0.66 9.29 -5.80
CA CYS A 176 -1.31 9.11 -7.09
C CYS A 176 -1.55 7.63 -7.41
N VAL A 177 -0.56 6.77 -7.14
CA VAL A 177 -0.71 5.36 -7.42
C VAL A 177 -1.78 4.72 -6.52
N SER A 178 -1.88 5.18 -5.28
CA SER A 178 -2.78 4.54 -4.32
C SER A 178 -4.24 4.90 -4.56
N LEU A 179 -4.53 6.11 -5.04
CA LEU A 179 -5.90 6.58 -5.13
C LEU A 179 -6.82 5.64 -5.91
N PRO A 180 -6.49 5.21 -7.13
CA PRO A 180 -7.47 4.46 -7.92
C PRO A 180 -7.99 3.21 -7.23
N ASP A 181 -7.10 2.45 -6.57
CA ASP A 181 -7.53 1.22 -5.91
C ASP A 181 -8.53 1.51 -4.80
N THR A 182 -8.27 2.53 -3.99
CA THR A 182 -9.19 2.89 -2.92
C THR A 182 -10.50 3.47 -3.42
N TYR A 183 -10.52 4.00 -4.64
CA TYR A 183 -11.75 4.59 -5.16
C TYR A 183 -12.87 3.56 -5.22
N TYR A 184 -12.56 2.35 -5.67
CA TYR A 184 -13.57 1.33 -5.93
C TYR A 184 -13.83 0.43 -4.74
N LEU A 185 -13.13 0.63 -3.63
CA LEU A 185 -13.33 -0.23 -2.47
C LEU A 185 -14.71 0.03 -1.86
N LYS A 186 -15.45 -1.04 -1.61
CA LYS A 186 -16.78 -0.93 -1.01
C LYS A 186 -17.05 -2.15 -0.15
N THR A 187 -17.62 -1.94 1.02
CA THR A 187 -18.00 -3.05 1.88
C THR A 187 -19.31 -3.66 1.40
N VAL A 188 -19.37 -4.98 1.40
CA VAL A 188 -20.52 -5.71 0.90
C VAL A 188 -20.85 -6.86 1.84
N THR A 189 -22.13 -7.09 2.06
CA THR A 189 -22.62 -8.21 2.86
C THR A 189 -23.06 -9.33 1.93
N SER A 190 -22.52 -10.53 2.13
CA SER A 190 -22.90 -11.65 1.30
C SER A 190 -24.40 -11.88 1.37
N ALA A 191 -25.02 -12.06 0.21
CA ALA A 191 -26.47 -12.21 0.16
C ALA A 191 -26.96 -13.49 0.83
N SER A 192 -26.08 -14.47 1.01
CA SER A 192 -26.45 -15.74 1.65
C SER A 192 -25.66 -15.99 2.92
N ASN A 193 -24.34 -15.84 2.89
CA ASN A 193 -23.54 -16.11 4.08
C ASN A 193 -23.88 -15.17 5.23
N ASN A 194 -24.49 -14.02 4.93
CA ASN A 194 -24.81 -13.02 5.94
C ASN A 194 -23.57 -12.51 6.66
N GLU A 195 -22.43 -12.55 5.99
CA GLU A 195 -21.16 -12.06 6.53
C GLU A 195 -20.70 -10.88 5.70
N THR A 196 -20.15 -9.87 6.37
CA THR A 196 -19.75 -8.62 5.72
C THR A 196 -18.25 -8.64 5.45
N TYR A 197 -17.88 -8.29 4.22
CA TYR A 197 -16.49 -8.20 3.81
C TYR A 197 -16.26 -6.81 3.22
N CYS A 198 -14.98 -6.47 3.05
CA CYS A 198 -14.58 -5.22 2.41
C CYS A 198 -13.65 -5.56 1.26
N ARG A 199 -14.15 -5.43 0.03
CA ARG A 199 -13.39 -5.76 -1.16
C ARG A 199 -13.63 -4.68 -2.20
N SER A 200 -12.97 -4.81 -3.35
CA SER A 200 -13.08 -3.84 -4.43
C SER A 200 -14.06 -4.35 -5.48
N PHE A 201 -14.98 -3.49 -5.87
CA PHE A 201 -16.02 -3.81 -6.84
C PHE A 201 -15.77 -3.00 -8.11
N TYR A 202 -14.94 -3.54 -8.99
CA TYR A 202 -14.63 -2.86 -10.23
C TYR A 202 -15.82 -2.91 -11.18
N PRO A 203 -15.83 -2.07 -12.21
CA PRO A 203 -16.97 -2.09 -13.15
C PRO A 203 -17.18 -3.47 -13.75
N GLU A 204 -18.44 -3.87 -13.87
CA GLU A 204 -18.75 -5.22 -14.32
C GLU A 204 -18.27 -5.46 -15.74
N HIS A 205 -18.45 -4.49 -16.64
CA HIS A 205 -18.13 -4.71 -18.04
C HIS A 205 -16.65 -4.98 -18.25
N SER A 206 -15.79 -4.61 -17.29
CA SER A 206 -14.36 -4.86 -17.41
C SER A 206 -13.80 -5.06 -16.01
N ILE A 207 -13.65 -6.32 -15.60
CA ILE A 207 -13.01 -6.67 -14.34
C ILE A 207 -11.65 -7.31 -14.58
N LYS A 208 -11.56 -8.24 -15.53
CA LYS A 208 -10.28 -8.85 -15.85
C LYS A 208 -9.26 -7.80 -16.27
N GLU A 209 -9.69 -6.83 -17.08
CA GLU A 209 -8.81 -5.76 -17.50
C GLU A 209 -8.40 -4.87 -16.34
N TRP A 210 -9.14 -4.89 -15.23
CA TRP A 210 -8.78 -4.09 -14.07
C TRP A 210 -7.83 -4.87 -13.16
N LEU A 211 -8.29 -6.04 -12.66
CA LEU A 211 -7.45 -6.85 -11.79
C LEU A 211 -6.04 -6.99 -12.34
N ILE A 212 -5.92 -7.62 -13.50
CA ILE A 212 -4.61 -7.79 -14.14
C ILE A 212 -3.86 -6.46 -14.15
N GLY A 213 -4.50 -5.40 -14.65
CA GLY A 213 -3.84 -4.12 -14.71
C GLY A 213 -3.23 -3.70 -13.39
N MET A 214 -4.05 -3.69 -12.33
CA MET A 214 -3.54 -3.30 -11.02
C MET A 214 -2.35 -4.15 -10.63
N GLU A 215 -2.45 -5.47 -10.80
CA GLU A 215 -1.35 -6.35 -10.44
C GLU A 215 -0.06 -5.93 -11.12
N LEU A 216 -0.13 -5.66 -12.43
CA LEU A 216 1.07 -5.24 -13.15
C LEU A 216 1.75 -4.08 -12.44
N VAL A 217 0.98 -3.06 -12.09
CA VAL A 217 1.55 -1.91 -11.38
C VAL A 217 2.22 -2.37 -10.10
N SER A 218 1.50 -3.14 -9.29
CA SER A 218 2.06 -3.58 -8.01
C SER A 218 3.31 -4.43 -8.17
N VAL A 219 3.52 -5.01 -9.35
CA VAL A 219 4.72 -5.82 -9.61
C VAL A 219 5.80 -5.06 -10.33
N VAL A 220 5.46 -3.99 -11.05
CA VAL A 220 6.44 -3.24 -11.82
C VAL A 220 6.97 -2.06 -11.02
N LEU A 221 6.08 -1.30 -10.39
CA LEU A 221 6.48 -0.21 -9.52
C LEU A 221 6.71 -0.67 -8.09
N GLY A 222 6.45 -1.94 -7.78
CA GLY A 222 6.60 -2.44 -6.43
C GLY A 222 7.86 -3.26 -6.24
N PHE A 223 8.15 -4.16 -7.19
CA PHE A 223 9.30 -5.04 -7.10
C PHE A 223 10.27 -4.86 -8.24
N ALA A 224 9.79 -4.85 -9.49
CA ALA A 224 10.69 -4.90 -10.64
C ALA A 224 11.59 -3.67 -10.67
N VAL A 225 11.00 -2.49 -10.85
CA VAL A 225 11.81 -1.27 -10.98
C VAL A 225 12.59 -0.97 -9.70
N PRO A 226 11.97 -0.97 -8.52
CA PRO A 226 12.77 -0.70 -7.31
C PRO A 226 13.92 -1.68 -7.11
N PHE A 227 13.68 -2.98 -7.29
CA PHE A 227 14.74 -3.95 -7.10
C PHE A 227 15.85 -3.77 -8.12
N SER A 228 15.49 -3.52 -9.38
CA SER A 228 16.51 -3.34 -10.42
C SER A 228 17.40 -2.15 -10.09
N ILE A 229 16.82 -1.01 -9.74
CA ILE A 229 17.63 0.16 -9.42
C ILE A 229 18.50 -0.12 -8.20
N ILE A 230 17.90 -0.73 -7.16
CA ILE A 230 18.65 -1.01 -5.94
C ILE A 230 19.84 -1.89 -6.23
N ALA A 231 19.63 -3.00 -6.94
CA ALA A 231 20.72 -3.94 -7.19
C ALA A 231 21.82 -3.29 -8.02
N VAL A 232 21.45 -2.63 -9.11
CA VAL A 232 22.46 -2.06 -10.01
C VAL A 232 23.30 -1.01 -9.28
N PHE A 233 22.65 -0.09 -8.58
CA PHE A 233 23.37 1.04 -7.99
C PHE A 233 24.19 0.63 -6.78
N TYR A 234 23.76 -0.39 -6.03
CA TYR A 234 24.58 -0.86 -4.92
C TYR A 234 25.80 -1.63 -5.43
N PHE A 235 25.67 -2.34 -6.54
CA PHE A 235 26.84 -2.93 -7.17
C PHE A 235 27.84 -1.86 -7.58
N LEU A 236 27.36 -0.77 -8.18
CA LEU A 236 28.26 0.32 -8.57
C LEU A 236 28.93 0.95 -7.37
N LEU A 237 28.19 1.14 -6.28
CA LEU A 237 28.77 1.70 -5.07
C LEU A 237 29.86 0.80 -4.51
N ALA A 238 29.62 -0.51 -4.49
CA ALA A 238 30.64 -1.44 -4.01
C ALA A 238 31.88 -1.38 -4.88
N ARG A 239 31.70 -1.30 -6.20
CA ARG A 239 32.84 -1.16 -7.10
C ARG A 239 33.63 0.11 -6.80
N ALA A 240 32.94 1.22 -6.61
CA ALA A 240 33.62 2.48 -6.33
C ALA A 240 34.39 2.43 -5.01
N ILE A 241 33.79 1.85 -3.97
CA ILE A 241 34.48 1.73 -2.69
C ILE A 241 35.72 0.84 -2.81
N SER A 242 35.59 -0.28 -3.53
CA SER A 242 36.72 -1.18 -3.70
C SER A 242 37.88 -0.50 -4.43
N ALA A 243 37.56 0.38 -5.39
CA ALA A 243 38.62 1.07 -6.12
C ALA A 243 39.49 1.90 -5.18
N SER A 244 38.86 2.63 -4.27
CA SER A 244 39.58 3.48 -3.34
C SER A 244 40.24 2.66 -2.24
N SER A 245 41.13 3.30 -1.51
CA SER A 245 41.86 2.66 -0.40
C SER A 245 41.30 3.05 0.96
N ASP A 246 41.20 4.36 1.23
CA ASP A 246 40.64 4.79 2.51
C ASP A 246 39.20 4.32 2.67
N GLN A 247 38.40 4.42 1.61
CA GLN A 247 36.99 4.03 1.69
C GLN A 247 36.85 2.54 2.02
N GLU A 248 37.62 1.68 1.36
CA GLU A 248 37.49 0.25 1.60
C GLU A 248 38.06 -0.16 2.95
N LYS A 249 39.05 0.59 3.47
CA LYS A 249 39.51 0.34 4.83
C LYS A 249 38.42 0.62 5.84
N HIS A 250 37.64 1.67 5.63
CA HIS A 250 36.61 2.07 6.58
C HIS A 250 35.26 1.44 6.29
N SER A 251 34.91 1.24 5.03
CA SER A 251 33.59 0.76 4.65
C SER A 251 33.63 -0.74 4.38
N SER A 252 32.49 -1.39 4.65
CA SER A 252 32.36 -2.83 4.51
C SER A 252 31.56 -3.17 3.26
N ARG A 253 31.97 -4.23 2.57
CA ARG A 253 31.29 -4.65 1.35
C ARG A 253 30.22 -5.70 1.61
N LYS A 254 30.03 -6.11 2.86
CA LYS A 254 29.00 -7.10 3.17
C LYS A 254 27.67 -6.44 3.52
N ILE A 255 27.70 -5.24 4.08
CA ILE A 255 26.46 -4.56 4.42
C ILE A 255 25.71 -4.16 3.16
N ILE A 256 26.43 -3.84 2.09
CA ILE A 256 25.79 -3.48 0.84
C ILE A 256 25.07 -4.68 0.25
N PHE A 257 25.75 -5.83 0.18
CA PHE A 257 25.09 -7.05 -0.27
C PHE A 257 23.95 -7.42 0.66
N SER A 258 24.05 -7.08 1.94
CA SER A 258 22.95 -7.31 2.86
C SER A 258 21.72 -6.50 2.47
N TYR A 259 21.90 -5.24 2.08
CA TYR A 259 20.77 -4.44 1.61
C TYR A 259 20.03 -5.15 0.48
N VAL A 260 20.74 -5.57 -0.56
CA VAL A 260 20.09 -6.15 -1.73
C VAL A 260 19.35 -7.44 -1.36
N VAL A 261 20.03 -8.35 -0.66
CA VAL A 261 19.45 -9.65 -0.33
C VAL A 261 18.28 -9.53 0.62
N VAL A 262 18.30 -8.56 1.54
CA VAL A 262 17.18 -8.38 2.45
C VAL A 262 15.92 -7.97 1.70
N PHE A 263 16.06 -7.07 0.73
CA PHE A 263 14.91 -6.69 -0.08
C PHE A 263 14.30 -7.92 -0.77
N LEU A 264 15.15 -8.77 -1.34
CA LEU A 264 14.66 -9.98 -1.99
C LEU A 264 13.88 -10.86 -1.03
N VAL A 265 14.47 -11.18 0.13
CA VAL A 265 13.84 -12.13 1.04
C VAL A 265 12.48 -11.63 1.51
N CYS A 266 12.35 -10.31 1.70
CA CYS A 266 11.06 -9.78 2.16
C CYS A 266 10.01 -9.81 1.06
N TRP A 267 10.38 -9.39 -0.15
CA TRP A 267 9.39 -9.07 -1.17
C TRP A 267 9.35 -10.04 -2.34
N LEU A 268 10.22 -11.05 -2.38
CA LEU A 268 10.15 -11.96 -3.51
C LEU A 268 9.01 -12.95 -3.32
N PRO A 269 8.97 -13.68 -2.19
CA PRO A 269 7.94 -14.72 -2.05
C PRO A 269 6.53 -14.16 -2.13
N TYR A 270 6.30 -12.95 -1.62
CA TYR A 270 4.97 -12.36 -1.67
C TYR A 270 4.48 -12.20 -3.10
N HIS A 271 5.33 -11.69 -3.99
CA HIS A 271 4.91 -11.48 -5.37
C HIS A 271 4.78 -12.79 -6.13
N VAL A 272 5.61 -13.78 -5.80
CA VAL A 272 5.44 -15.11 -6.40
C VAL A 272 4.07 -15.67 -6.05
N ALA A 273 3.69 -15.57 -4.78
CA ALA A 273 2.39 -16.08 -4.35
C ALA A 273 1.24 -15.33 -5.02
N VAL A 274 1.35 -14.01 -5.13
CA VAL A 274 0.29 -13.22 -5.75
C VAL A 274 0.17 -13.55 -7.23
N LEU A 275 1.29 -13.75 -7.93
CA LEU A 275 1.23 -14.10 -9.34
C LEU A 275 0.60 -15.48 -9.54
N LEU A 276 0.89 -16.43 -8.66
CA LEU A 276 0.24 -17.72 -8.74
C LEU A 276 -1.26 -17.57 -8.54
N ASP A 277 -1.67 -16.70 -7.62
CA ASP A 277 -3.09 -16.44 -7.44
C ASP A 277 -3.72 -15.91 -8.72
N ILE A 278 -3.05 -14.97 -9.39
CA ILE A 278 -3.60 -14.40 -10.62
C ILE A 278 -3.71 -15.48 -11.70
N PHE A 279 -2.68 -16.32 -11.84
CA PHE A 279 -2.77 -17.42 -12.80
C PHE A 279 -3.89 -18.38 -12.44
N SER A 280 -4.21 -18.53 -11.16
CA SER A 280 -5.36 -19.33 -10.78
C SER A 280 -6.66 -18.67 -11.22
N ILE A 281 -6.76 -17.35 -11.05
CA ILE A 281 -7.99 -16.64 -11.43
C ILE A 281 -8.26 -16.79 -12.92
N LEU A 282 -7.22 -16.63 -13.74
CA LEU A 282 -7.37 -16.74 -15.19
C LEU A 282 -7.52 -18.16 -15.66
N HIS A 283 -7.61 -19.12 -14.75
CA HIS A 283 -7.85 -20.52 -15.11
C HIS A 283 -6.71 -21.08 -15.96
N TYR A 284 -5.50 -20.54 -15.80
CA TYR A 284 -4.34 -21.15 -16.42
C TYR A 284 -3.88 -22.40 -15.69
N ILE A 285 -4.29 -22.56 -14.42
CA ILE A 285 -3.99 -23.76 -13.65
C ILE A 285 -5.32 -24.42 -13.35
N PRO A 286 -5.46 -25.74 -13.49
CA PRO A 286 -6.74 -26.38 -13.14
C PRO A 286 -7.07 -26.17 -11.68
N PHE A 287 -8.35 -26.02 -11.40
CA PHE A 287 -8.82 -25.76 -10.04
C PHE A 287 -9.03 -27.08 -9.30
N THR A 288 -8.86 -27.02 -7.98
CA THR A 288 -9.17 -28.13 -7.09
C THR A 288 -8.93 -27.65 -5.67
N CYS A 289 -9.49 -28.37 -4.71
CA CYS A 289 -9.46 -27.92 -3.32
C CYS A 289 -8.04 -27.74 -2.82
N ARG A 290 -7.10 -28.57 -3.28
CA ARG A 290 -5.72 -28.47 -2.81
C ARG A 290 -5.11 -27.11 -3.15
N LEU A 291 -5.36 -26.61 -4.37
CA LEU A 291 -4.87 -25.28 -4.73
C LEU A 291 -5.51 -24.21 -3.87
N GLU A 292 -6.81 -24.32 -3.58
CA GLU A 292 -7.43 -23.33 -2.69
C GLU A 292 -6.68 -23.26 -1.37
N HIS A 293 -6.45 -24.41 -0.74
CA HIS A 293 -5.76 -24.40 0.55
C HIS A 293 -4.33 -23.92 0.41
N ALA A 294 -3.62 -24.42 -0.60
CA ALA A 294 -2.21 -24.12 -0.77
C ALA A 294 -1.94 -22.72 -1.33
N LEU A 295 -2.97 -22.02 -1.79
CA LEU A 295 -2.84 -20.61 -2.15
C LEU A 295 -3.29 -19.69 -1.03
N PHE A 296 -4.31 -20.07 -0.29
CA PHE A 296 -4.67 -19.33 0.93
C PHE A 296 -3.50 -19.31 1.90
N THR A 297 -2.90 -20.48 2.16
CA THR A 297 -1.78 -20.55 3.07
C THR A 297 -0.60 -19.71 2.58
N ALA A 298 -0.29 -19.81 1.29
CA ALA A 298 0.84 -19.06 0.74
C ALA A 298 0.64 -17.56 0.86
N LEU A 299 -0.53 -17.06 0.44
CA LEU A 299 -0.79 -15.63 0.53
C LEU A 299 -0.63 -15.12 1.96
N HIS A 300 -1.23 -15.81 2.92
CA HIS A 300 -1.23 -15.32 4.29
C HIS A 300 0.17 -15.36 4.89
N VAL A 301 0.88 -16.47 4.72
CA VAL A 301 2.22 -16.60 5.31
C VAL A 301 3.16 -15.55 4.72
N THR A 302 3.12 -15.37 3.40
CA THR A 302 4.00 -14.40 2.75
C THR A 302 3.62 -12.97 3.10
N GLN A 303 2.34 -12.69 3.31
CA GLN A 303 1.93 -11.35 3.75
C GLN A 303 2.54 -11.02 5.11
N CYS A 304 2.53 -11.97 6.04
CA CYS A 304 3.16 -11.72 7.34
C CYS A 304 4.65 -11.46 7.19
N LEU A 305 5.32 -12.24 6.35
CA LEU A 305 6.76 -12.09 6.20
C LEU A 305 7.11 -10.73 5.60
N SER A 306 6.34 -10.28 4.61
CA SER A 306 6.73 -9.10 3.85
C SER A 306 6.69 -7.82 4.69
N LEU A 307 6.08 -7.84 5.86
CA LEU A 307 5.97 -6.67 6.70
C LEU A 307 7.14 -6.53 7.66
N VAL A 308 8.14 -7.40 7.57
CA VAL A 308 9.39 -7.23 8.30
C VAL A 308 10.15 -6.09 7.64
N HIS A 309 9.62 -5.58 6.54
CA HIS A 309 10.17 -4.40 5.90
C HIS A 309 10.34 -3.26 6.91
N CYS A 310 9.28 -2.97 7.67
CA CYS A 310 9.32 -1.85 8.60
C CYS A 310 10.22 -2.16 9.80
N CYS A 311 10.25 -3.41 10.25
CA CYS A 311 11.11 -3.77 11.37
C CYS A 311 12.59 -3.71 11.01
N VAL A 312 12.95 -4.01 9.76
CA VAL A 312 14.35 -4.15 9.38
C VAL A 312 14.94 -2.87 8.79
N ASN A 313 14.13 -1.96 8.29
CA ASN A 313 14.67 -0.72 7.71
C ASN A 313 15.49 0.08 8.72
N PRO A 314 14.99 0.39 9.91
CA PRO A 314 15.85 1.10 10.88
C PRO A 314 17.09 0.32 11.27
N VAL A 315 16.99 -1.00 11.42
CA VAL A 315 18.11 -1.81 11.85
C VAL A 315 19.21 -1.91 10.81
N LEU A 316 18.94 -1.50 9.58
CA LEU A 316 19.94 -1.54 8.51
C LEU A 316 20.52 -0.17 8.19
N TYR A 317 19.69 0.86 8.09
CA TYR A 317 20.14 2.17 7.65
C TYR A 317 20.51 3.09 8.80
N SER A 318 20.04 2.81 10.03
CA SER A 318 20.31 3.68 11.16
C SER A 318 21.08 2.98 12.27
N PHE A 319 20.61 1.83 12.77
CA PHE A 319 21.16 1.28 13.99
C PHE A 319 22.53 0.64 13.78
N ILE A 320 22.98 0.49 12.54
CA ILE A 320 24.30 -0.06 12.28
C ILE A 320 25.36 1.03 12.20
N ASN A 321 24.98 2.24 11.77
CA ASN A 321 25.93 3.32 11.63
C ASN A 321 26.58 3.67 12.96
N ARG A 322 27.91 3.81 12.95
CA ARG A 322 28.62 4.18 14.18
C ARG A 322 28.18 5.55 14.68
N ASN A 323 28.05 6.52 13.76
CA ASN A 323 27.61 7.86 14.15
C ASN A 323 26.26 7.81 14.85
N TYR A 324 25.32 7.06 14.30
CA TYR A 324 24.00 6.98 14.91
C TYR A 324 24.05 6.36 16.29
N ARG A 325 24.81 5.28 16.46
CA ARG A 325 24.87 4.63 17.77
C ARG A 325 25.45 5.57 18.82
N TYR A 326 26.53 6.26 18.49
CA TYR A 326 27.11 7.21 19.44
C TYR A 326 26.14 8.34 19.76
N GLU A 327 25.48 8.87 18.74
CA GLU A 327 24.53 9.96 18.94
C GLU A 327 23.37 9.51 19.82
N LEU A 328 22.83 8.31 19.57
CA LEU A 328 21.73 7.81 20.39
C LEU A 328 22.17 7.62 21.84
N MET A 329 23.36 7.06 22.06
CA MET A 329 23.84 6.86 23.42
C MET A 329 23.96 8.20 24.15
N LYS A 330 24.49 9.22 23.49
CA LYS A 330 24.62 10.53 24.12
C LYS A 330 23.24 11.12 24.41
N ALA A 331 22.33 11.03 23.46
CA ALA A 331 21.00 11.64 23.63
C ALA A 331 20.24 10.95 24.75
N PHE A 332 20.28 9.62 24.79
CA PHE A 332 19.55 8.89 25.83
C PHE A 332 20.08 9.22 27.22
N ILE A 333 21.40 9.29 27.37
CA ILE A 333 22.01 9.61 28.66
C ILE A 333 22.08 11.12 28.83
N TYR B 7 -12.53 -12.98 1.09
CA TYR B 7 -13.57 -13.35 0.14
C TYR B 7 -12.92 -13.81 -1.17
N ARG B 8 -12.47 -15.06 -1.17
CA ARG B 8 -11.76 -15.65 -2.30
C ARG B 8 -12.52 -16.88 -2.77
N CYS B 9 -13.01 -16.85 -3.99
CA CYS B 9 -13.73 -17.96 -4.59
C CYS B 9 -13.22 -18.21 -5.99
N PRO B 10 -13.47 -19.40 -6.54
CA PRO B 10 -12.79 -19.79 -7.78
C PRO B 10 -12.99 -18.83 -8.94
N CYS B 11 -14.16 -18.21 -9.04
CA CYS B 11 -14.48 -17.33 -10.17
C CYS B 11 -14.59 -15.90 -9.67
N ARG B 12 -13.90 -14.98 -10.36
CA ARG B 12 -13.98 -13.56 -10.05
C ARG B 12 -14.77 -12.76 -11.08
N PHE B 13 -14.96 -13.31 -12.29
CA PHE B 13 -15.68 -12.60 -13.33
C PHE B 13 -16.31 -13.63 -14.27
N PHE B 14 -17.25 -13.16 -15.08
CA PHE B 14 -18.04 -14.03 -15.94
C PHE B 14 -17.49 -14.03 -17.36
N GLU B 15 -18.13 -14.81 -18.22
CA GLU B 15 -17.90 -14.81 -19.65
C GLU B 15 -19.26 -14.91 -20.31
N SER B 16 -19.62 -13.93 -21.13
CA SER B 16 -20.97 -13.83 -21.68
C SER B 16 -20.95 -13.81 -23.21
N HIS B 17 -20.03 -14.57 -23.82
CA HIS B 17 -19.99 -14.67 -25.27
C HIS B 17 -19.66 -16.10 -25.71
N VAL B 18 -20.12 -17.09 -24.96
CA VAL B 18 -19.85 -18.49 -25.23
C VAL B 18 -21.12 -19.15 -25.76
N ALA B 19 -21.02 -19.83 -26.89
CA ALA B 19 -22.14 -20.53 -27.50
C ALA B 19 -22.07 -22.02 -27.21
N ARG B 20 -23.18 -22.71 -27.48
CA ARG B 20 -23.25 -24.13 -27.17
C ARG B 20 -22.20 -24.92 -27.93
N ALA B 21 -21.99 -24.59 -29.20
CA ALA B 21 -21.04 -25.34 -30.02
C ALA B 21 -19.60 -25.20 -29.54
N ASN B 22 -19.32 -24.24 -28.66
CA ASN B 22 -17.96 -23.96 -28.21
C ASN B 22 -17.66 -24.48 -26.82
N VAL B 23 -18.45 -25.44 -26.33
CA VAL B 23 -18.26 -26.02 -25.01
C VAL B 23 -18.27 -27.54 -25.14
N LYS B 24 -17.32 -28.20 -24.47
CA LYS B 24 -17.22 -29.65 -24.51
C LYS B 24 -17.35 -30.33 -23.15
N HIS B 25 -17.22 -29.58 -22.07
CA HIS B 25 -17.32 -30.17 -20.73
C HIS B 25 -17.60 -29.06 -19.74
N LEU B 26 -18.74 -29.14 -19.06
CA LEU B 26 -19.10 -28.21 -18.01
C LEU B 26 -18.75 -28.79 -16.65
N LYS B 27 -18.78 -27.93 -15.65
CA LYS B 27 -18.54 -28.36 -14.27
C LYS B 27 -19.21 -27.36 -13.35
N ILE B 28 -19.78 -27.85 -12.26
CA ILE B 28 -20.49 -27.04 -11.29
C ILE B 28 -19.74 -27.10 -9.98
N LEU B 29 -19.22 -25.96 -9.54
CA LEU B 29 -18.50 -25.85 -8.28
C LEU B 29 -19.43 -25.33 -7.20
N ASN B 30 -19.46 -26.01 -6.07
CA ASN B 30 -20.16 -25.54 -4.88
C ASN B 30 -19.10 -25.07 -3.90
N THR B 31 -19.19 -23.81 -3.49
CA THR B 31 -18.14 -23.20 -2.68
C THR B 31 -18.74 -22.56 -1.44
N PRO B 32 -18.01 -22.54 -0.33
CA PRO B 32 -18.54 -21.93 0.89
C PRO B 32 -18.77 -20.44 0.78
N ASN B 33 -18.07 -19.76 -0.13
CA ASN B 33 -18.10 -18.30 -0.19
C ASN B 33 -19.04 -17.79 -1.28
N CYS B 34 -18.83 -18.20 -2.53
CA CYS B 34 -19.53 -17.62 -3.67
C CYS B 34 -20.69 -18.49 -4.16
N ALA B 35 -21.06 -19.53 -3.42
CA ALA B 35 -22.20 -20.36 -3.79
C ALA B 35 -21.97 -21.07 -5.11
N LEU B 36 -23.04 -21.56 -5.74
CA LEU B 36 -22.90 -22.34 -6.97
C LEU B 36 -22.24 -21.52 -8.06
N GLN B 37 -21.24 -22.10 -8.71
CA GLN B 37 -20.55 -21.49 -9.83
C GLN B 37 -20.36 -22.53 -10.92
N ILE B 38 -20.16 -22.05 -12.14
CA ILE B 38 -20.02 -22.91 -13.31
C ILE B 38 -18.62 -22.71 -13.88
N VAL B 39 -18.10 -23.75 -14.54
CA VAL B 39 -16.79 -23.68 -15.17
C VAL B 39 -16.85 -24.56 -16.42
N ALA B 40 -16.61 -23.95 -17.58
CA ALA B 40 -16.72 -24.64 -18.86
C ALA B 40 -15.34 -24.83 -19.48
N ARG B 41 -15.24 -25.83 -20.34
CA ARG B 41 -14.01 -26.16 -21.07
C ARG B 41 -14.24 -25.91 -22.55
N LEU B 42 -13.74 -24.79 -23.06
CA LEU B 42 -13.90 -24.43 -24.47
C LEU B 42 -12.93 -25.26 -25.30
N LYS B 43 -13.47 -26.03 -26.24
CA LYS B 43 -12.63 -26.90 -27.07
C LYS B 43 -12.03 -26.17 -28.26
N ASN B 44 -12.48 -24.96 -28.58
CA ASN B 44 -11.85 -24.21 -29.66
C ASN B 44 -10.39 -23.89 -29.34
N ASN B 45 -10.11 -23.50 -28.10
CA ASN B 45 -8.74 -23.29 -27.64
C ASN B 45 -8.39 -24.15 -26.44
N ASN B 46 -9.19 -25.16 -26.12
CA ASN B 46 -8.92 -26.10 -25.03
C ASN B 46 -8.76 -25.40 -23.68
N ARG B 47 -9.30 -24.19 -23.55
CA ARG B 47 -9.12 -23.40 -22.35
C ARG B 47 -10.26 -23.64 -21.37
N GLN B 48 -10.17 -23.01 -20.20
CA GLN B 48 -11.20 -23.11 -19.17
C GLN B 48 -11.69 -21.71 -18.82
N VAL B 49 -13.01 -21.54 -18.83
CA VAL B 49 -13.63 -20.25 -18.59
C VAL B 49 -14.72 -20.42 -17.54
N CYS B 50 -15.19 -19.29 -17.02
CA CYS B 50 -16.27 -19.27 -16.04
C CYS B 50 -17.52 -18.72 -16.71
N ILE B 51 -18.52 -19.55 -16.85
CA ILE B 51 -19.70 -19.23 -17.65
C ILE B 51 -20.65 -18.35 -16.84
N ASP B 52 -21.34 -17.45 -17.55
CA ASP B 52 -22.37 -16.62 -16.96
C ASP B 52 -23.65 -17.43 -16.79
N PRO B 53 -24.23 -17.53 -15.59
CA PRO B 53 -25.46 -18.32 -15.44
C PRO B 53 -26.64 -17.73 -16.18
N LYS B 54 -26.60 -16.44 -16.55
CA LYS B 54 -27.74 -15.82 -17.19
C LYS B 54 -28.07 -16.43 -18.53
N LEU B 55 -27.11 -17.09 -19.17
CA LEU B 55 -27.35 -17.63 -20.50
C LEU B 55 -28.56 -18.57 -20.49
N LYS B 56 -29.39 -18.44 -21.53
CA LYS B 56 -30.63 -19.20 -21.56
C LYS B 56 -30.37 -20.70 -21.51
N TRP B 57 -29.44 -21.19 -22.33
CA TRP B 57 -29.20 -22.62 -22.41
C TRP B 57 -28.42 -23.16 -21.23
N ILE B 58 -27.50 -22.37 -20.67
CA ILE B 58 -26.66 -22.87 -19.58
C ILE B 58 -27.50 -23.21 -18.36
N GLN B 59 -28.37 -22.29 -17.94
CA GLN B 59 -29.12 -22.50 -16.71
C GLN B 59 -30.04 -23.71 -16.83
N GLU B 60 -30.74 -23.83 -17.95
CA GLU B 60 -31.65 -24.96 -18.12
C GLU B 60 -30.89 -26.29 -18.20
N TYR B 61 -29.78 -26.32 -18.93
CA TYR B 61 -28.97 -27.54 -19.02
C TYR B 61 -28.45 -27.97 -17.66
N LEU B 62 -27.95 -27.02 -16.87
CA LEU B 62 -27.43 -27.35 -15.56
C LEU B 62 -28.53 -27.82 -14.61
N GLU B 63 -29.72 -27.23 -14.70
CA GLU B 63 -30.82 -27.66 -13.84
C GLU B 63 -31.24 -29.09 -14.14
N LYS B 64 -31.28 -29.48 -15.41
CA LYS B 64 -31.59 -30.88 -15.72
C LYS B 64 -30.47 -31.81 -15.26
N ALA B 65 -29.22 -31.35 -15.31
CA ALA B 65 -28.13 -32.17 -14.80
C ALA B 65 -28.27 -32.39 -13.29
N LEU B 66 -28.63 -31.33 -12.55
CA LEU B 66 -28.80 -31.47 -11.11
C LEU B 66 -30.09 -32.20 -10.78
N ASN B 67 -31.17 -31.91 -11.52
CA ASN B 67 -32.46 -32.53 -11.23
C ASN B 67 -32.40 -34.05 -11.39
N LYS B 68 -31.74 -34.52 -12.44
CA LYS B 68 -31.63 -35.96 -12.69
C LYS B 68 -30.94 -36.64 -11.52
N ILE C 3 -37.36 -4.44 3.36
CA ILE C 3 -37.67 -3.45 2.34
C ILE C 3 -39.14 -3.52 1.97
N GLN C 4 -39.76 -2.36 1.85
CA GLN C 4 -41.18 -2.27 1.51
C GLN C 4 -41.32 -2.22 0.00
N MET C 5 -42.15 -3.11 -0.55
CA MET C 5 -42.39 -3.22 -1.98
C MET C 5 -43.86 -2.91 -2.23
N THR C 6 -44.15 -1.65 -2.51
CA THR C 6 -45.51 -1.26 -2.86
C THR C 6 -45.89 -1.87 -4.20
N GLN C 7 -47.10 -2.40 -4.29
CA GLN C 7 -47.57 -3.08 -5.49
C GLN C 7 -48.95 -2.54 -5.86
N SER C 8 -49.00 -1.77 -6.95
CA SER C 8 -50.22 -1.18 -7.45
C SER C 8 -50.70 -1.92 -8.70
N PRO C 9 -52.01 -2.01 -8.92
CA PRO C 9 -53.12 -1.56 -8.08
C PRO C 9 -53.54 -2.63 -7.07
N SER C 10 -54.63 -2.40 -6.34
CA SER C 10 -55.14 -3.43 -5.44
C SER C 10 -55.81 -4.56 -6.22
N SER C 11 -56.41 -4.24 -7.37
CA SER C 11 -57.08 -5.24 -8.20
C SER C 11 -57.22 -4.68 -9.60
N LEU C 12 -57.50 -5.58 -10.55
CA LEU C 12 -57.69 -5.22 -11.95
C LEU C 12 -58.96 -5.86 -12.47
N SER C 13 -59.74 -5.08 -13.22
CA SER C 13 -60.92 -5.57 -13.93
C SER C 13 -60.58 -5.57 -15.41
N ALA C 14 -60.42 -6.76 -15.99
CA ALA C 14 -60.01 -6.89 -17.37
C ALA C 14 -60.79 -8.02 -18.02
N SER C 15 -60.83 -8.00 -19.36
CA SER C 15 -61.50 -9.02 -20.16
C SER C 15 -60.48 -9.83 -20.94
N VAL C 16 -60.97 -10.88 -21.59
CA VAL C 16 -60.09 -11.78 -22.34
C VAL C 16 -59.50 -11.03 -23.52
N GLY C 17 -58.17 -10.93 -23.54
CA GLY C 17 -57.45 -10.32 -24.63
C GLY C 17 -57.00 -8.89 -24.38
N ASP C 18 -57.59 -8.21 -23.41
CA ASP C 18 -57.27 -6.81 -23.17
C ASP C 18 -55.94 -6.67 -22.45
N ARG C 19 -55.41 -5.45 -22.47
CA ARG C 19 -54.14 -5.17 -21.84
C ARG C 19 -54.25 -5.28 -20.33
N VAL C 20 -53.26 -5.92 -19.71
CA VAL C 20 -53.20 -6.08 -18.25
C VAL C 20 -51.79 -5.73 -17.81
N THR C 21 -51.68 -4.81 -16.84
CA THR C 21 -50.40 -4.34 -16.38
C THR C 21 -50.41 -4.25 -14.86
N ILE C 22 -49.29 -4.63 -14.24
CA ILE C 22 -49.11 -4.55 -12.80
C ILE C 22 -47.75 -3.90 -12.56
N THR C 23 -47.61 -3.25 -11.40
CA THR C 23 -46.41 -2.49 -11.09
C THR C 23 -45.93 -2.83 -9.69
N CYS C 24 -44.64 -2.58 -9.45
CA CYS C 24 -44.01 -2.93 -8.18
C CYS C 24 -42.88 -1.94 -7.92
N ARG C 25 -43.02 -1.13 -6.87
CA ARG C 25 -42.02 -0.12 -6.53
C ARG C 25 -41.22 -0.59 -5.33
N ALA C 26 -39.90 -0.47 -5.42
CA ALA C 26 -39.00 -0.86 -4.34
C ALA C 26 -38.52 0.38 -3.60
N SER C 27 -38.72 0.40 -2.28
CA SER C 27 -38.30 1.54 -1.48
C SER C 27 -36.79 1.71 -1.48
N GLN C 28 -36.05 0.66 -1.82
CA GLN C 28 -34.59 0.72 -1.90
C GLN C 28 -34.14 0.23 -3.27
N SER C 29 -32.83 0.06 -3.46
CA SER C 29 -32.27 -0.36 -4.73
C SER C 29 -32.03 -1.87 -4.69
N VAL C 30 -32.66 -2.58 -5.63
CA VAL C 30 -32.43 -4.01 -5.84
C VAL C 30 -31.91 -4.17 -7.25
N SER C 31 -30.74 -4.79 -7.39
CA SER C 31 -30.07 -4.89 -8.68
C SER C 31 -30.76 -5.88 -9.59
N SER C 32 -31.97 -5.55 -10.05
CA SER C 32 -32.72 -6.42 -10.94
C SER C 32 -33.03 -7.77 -10.32
N ALA C 33 -32.97 -7.86 -8.99
CA ALA C 33 -33.22 -9.11 -8.27
C ALA C 33 -34.66 -9.09 -7.78
N VAL C 34 -35.58 -9.42 -8.68
CA VAL C 34 -36.99 -9.54 -8.35
C VAL C 34 -37.54 -10.83 -8.94
N ALA C 35 -38.83 -11.04 -8.78
CA ALA C 35 -39.50 -12.24 -9.27
C ALA C 35 -41.00 -12.01 -9.18
N TRP C 36 -41.74 -12.63 -10.10
CA TRP C 36 -43.18 -12.49 -10.16
C TRP C 36 -43.80 -13.87 -10.14
N TYR C 37 -44.73 -14.09 -9.21
CA TYR C 37 -45.42 -15.35 -9.04
C TYR C 37 -46.91 -15.16 -9.28
N GLN C 38 -47.59 -16.26 -9.58
CA GLN C 38 -49.04 -16.28 -9.65
C GLN C 38 -49.55 -17.44 -8.81
N GLN C 39 -50.63 -17.19 -8.06
CA GLN C 39 -51.23 -18.21 -7.22
C GLN C 39 -52.71 -18.30 -7.54
N LYS C 40 -53.17 -19.51 -7.83
CA LYS C 40 -54.59 -19.78 -7.93
C LYS C 40 -55.19 -19.84 -6.53
N PRO C 41 -56.51 -19.69 -6.41
CA PRO C 41 -57.09 -19.56 -5.06
C PRO C 41 -56.74 -20.69 -4.11
N GLY C 42 -56.68 -21.93 -4.59
CA GLY C 42 -56.42 -23.07 -3.72
C GLY C 42 -55.22 -23.89 -4.14
N LYS C 43 -54.16 -23.23 -4.61
CA LYS C 43 -52.98 -23.94 -5.07
C LYS C 43 -51.74 -23.11 -4.73
N ALA C 44 -50.59 -23.78 -4.76
CA ALA C 44 -49.34 -23.12 -4.45
C ALA C 44 -48.93 -22.17 -5.57
N PRO C 45 -48.14 -21.15 -5.27
CA PRO C 45 -47.70 -20.22 -6.32
C PRO C 45 -46.83 -20.92 -7.35
N LYS C 46 -46.86 -20.39 -8.57
CA LYS C 46 -46.04 -20.88 -9.67
C LYS C 46 -45.14 -19.74 -10.14
N LEU C 47 -43.83 -19.95 -10.08
CA LEU C 47 -42.90 -18.91 -10.50
C LEU C 47 -43.14 -18.57 -11.97
N LEU C 48 -43.24 -17.27 -12.25
CA LEU C 48 -43.44 -16.77 -13.61
C LEU C 48 -42.23 -16.08 -14.19
N ILE C 49 -41.55 -15.23 -13.41
CA ILE C 49 -40.39 -14.49 -13.89
C ILE C 49 -39.35 -14.44 -12.79
N TYR C 50 -38.08 -14.59 -13.15
CA TYR C 50 -36.98 -14.39 -12.22
C TYR C 50 -36.02 -13.36 -12.79
N SER C 51 -34.93 -13.12 -12.08
CA SER C 51 -34.09 -11.94 -12.33
C SER C 51 -35.00 -10.72 -12.35
N ALA C 52 -35.22 -10.13 -13.52
CA ALA C 52 -36.21 -9.06 -13.64
C ALA C 52 -37.12 -9.32 -14.84
N SER C 53 -36.60 -9.96 -15.88
CA SER C 53 -37.37 -10.22 -17.08
C SER C 53 -37.21 -11.62 -17.65
N SER C 54 -36.26 -12.42 -17.17
CA SER C 54 -36.02 -13.75 -17.72
C SER C 54 -37.19 -14.65 -17.38
N LEU C 55 -38.02 -14.96 -18.38
CA LEU C 55 -39.15 -15.85 -18.15
C LEU C 55 -38.67 -17.21 -17.67
N TYR C 56 -39.48 -17.84 -16.83
CA TYR C 56 -39.19 -19.19 -16.39
C TYR C 56 -39.23 -20.14 -17.58
N SER C 57 -38.81 -21.38 -17.33
CA SER C 57 -38.64 -22.34 -18.42
C SER C 57 -39.96 -22.58 -19.16
N GLY C 58 -41.01 -22.93 -18.44
CA GLY C 58 -42.25 -23.37 -19.04
C GLY C 58 -43.37 -22.37 -19.12
N VAL C 59 -43.17 -21.15 -18.63
CA VAL C 59 -44.26 -20.17 -18.62
C VAL C 59 -44.57 -19.75 -20.05
N PRO C 60 -45.83 -19.51 -20.40
CA PRO C 60 -46.13 -18.97 -21.73
C PRO C 60 -45.43 -17.64 -21.96
N SER C 61 -45.42 -17.22 -23.22
CA SER C 61 -44.69 -16.02 -23.62
C SER C 61 -45.45 -14.74 -23.37
N ARG C 62 -46.71 -14.81 -22.93
CA ARG C 62 -47.48 -13.59 -22.71
C ARG C 62 -46.87 -12.74 -21.62
N PHE C 63 -46.44 -13.37 -20.52
CA PHE C 63 -45.89 -12.62 -19.40
C PHE C 63 -44.56 -12.01 -19.77
N SER C 64 -44.37 -10.74 -19.40
CA SER C 64 -43.12 -10.05 -19.68
C SER C 64 -42.83 -9.06 -18.56
N GLY C 65 -41.65 -9.18 -17.98
CA GLY C 65 -41.22 -8.27 -16.93
C GLY C 65 -40.32 -7.17 -17.48
N SER C 66 -40.27 -6.06 -16.74
CA SER C 66 -39.45 -4.92 -17.13
C SER C 66 -38.82 -4.33 -15.87
N ARG C 67 -38.08 -3.24 -16.06
CA ARG C 67 -37.46 -2.56 -14.93
C ARG C 67 -37.01 -1.18 -15.39
N SER C 68 -37.23 -0.18 -14.54
CA SER C 68 -36.78 1.19 -14.78
C SER C 68 -36.27 1.72 -13.45
N GLY C 69 -34.95 1.79 -13.29
CA GLY C 69 -34.38 2.10 -12.01
C GLY C 69 -34.82 1.08 -10.99
N THR C 70 -35.71 1.47 -10.08
CA THR C 70 -36.42 0.55 -9.20
C THR C 70 -37.90 0.76 -9.42
N ASP C 71 -38.43 0.16 -10.49
CA ASP C 71 -39.86 0.20 -10.79
C ASP C 71 -40.14 -0.94 -11.74
N PHE C 72 -40.68 -2.04 -11.21
CA PHE C 72 -40.80 -3.28 -11.94
C PHE C 72 -42.24 -3.51 -12.38
N THR C 73 -42.42 -3.70 -13.68
CA THR C 73 -43.74 -3.88 -14.28
C THR C 73 -43.89 -5.30 -14.81
N LEU C 74 -45.07 -5.87 -14.62
CA LEU C 74 -45.43 -7.16 -15.20
C LEU C 74 -46.59 -6.94 -16.15
N THR C 75 -46.41 -7.31 -17.41
CA THR C 75 -47.42 -7.12 -18.44
C THR C 75 -47.86 -8.47 -18.96
N ILE C 76 -49.17 -8.70 -19.00
CA ILE C 76 -49.72 -9.93 -19.55
C ILE C 76 -50.53 -9.58 -20.78
N SER C 77 -49.87 -9.60 -21.95
CA SER C 77 -50.55 -9.25 -23.19
C SER C 77 -51.55 -10.35 -23.55
N SER C 78 -52.76 -9.94 -23.91
CA SER C 78 -53.80 -10.86 -24.36
C SER C 78 -54.14 -11.89 -23.27
N LEU C 79 -54.71 -11.37 -22.18
CA LEU C 79 -55.15 -12.25 -21.10
C LEU C 79 -56.13 -13.29 -21.62
N GLN C 80 -55.90 -14.54 -21.26
CA GLN C 80 -56.80 -15.64 -21.55
C GLN C 80 -57.59 -16.02 -20.32
N PRO C 81 -58.62 -16.86 -20.47
CA PRO C 81 -59.36 -17.32 -19.29
C PRO C 81 -58.48 -18.03 -18.28
N GLU C 82 -57.43 -18.71 -18.73
CA GLU C 82 -56.55 -19.41 -17.80
C GLU C 82 -55.82 -18.44 -16.87
N ASP C 83 -55.56 -17.23 -17.33
CA ASP C 83 -54.73 -16.28 -16.59
C ASP C 83 -55.61 -15.35 -15.74
N PHE C 84 -56.22 -15.93 -14.72
CA PHE C 84 -57.03 -15.17 -13.75
C PHE C 84 -56.65 -15.67 -12.36
N ALA C 85 -55.66 -15.02 -11.76
CA ALA C 85 -55.12 -15.42 -10.47
C ALA C 85 -54.62 -14.18 -9.75
N THR C 86 -53.83 -14.37 -8.70
CA THR C 86 -53.25 -13.28 -7.93
C THR C 86 -51.74 -13.27 -8.11
N TYR C 87 -51.19 -12.13 -8.50
CA TYR C 87 -49.80 -12.00 -8.90
C TYR C 87 -49.02 -11.28 -7.81
N TYR C 88 -47.88 -11.85 -7.41
CA TYR C 88 -47.08 -11.34 -6.31
C TYR C 88 -45.68 -10.95 -6.78
N CYS C 89 -45.12 -9.95 -6.12
CA CYS C 89 -43.83 -9.37 -6.45
C CYS C 89 -42.84 -9.65 -5.31
N GLN C 90 -41.68 -10.21 -5.66
CA GLN C 90 -40.67 -10.53 -4.67
C GLN C 90 -39.35 -9.90 -5.06
N GLN C 91 -38.54 -9.56 -4.06
CA GLN C 91 -37.17 -9.13 -4.25
C GLN C 91 -36.26 -9.99 -3.38
N TYR C 92 -35.14 -10.41 -3.95
CA TYR C 92 -34.18 -11.25 -3.22
C TYR C 92 -32.77 -10.69 -3.28
N TYR C 93 -32.61 -9.39 -3.48
CA TYR C 93 -31.28 -8.79 -3.42
C TYR C 93 -30.70 -8.90 -2.01
N TYR C 94 -31.51 -8.64 -1.00
CA TYR C 94 -31.07 -8.67 0.38
C TYR C 94 -31.31 -10.04 0.99
N PRO C 95 -30.61 -10.37 2.07
CA PRO C 95 -30.80 -11.70 2.67
C PRO C 95 -32.21 -11.95 3.16
N LEU C 96 -33.01 -10.90 3.37
CA LEU C 96 -34.41 -11.03 3.75
C LEU C 96 -35.27 -10.72 2.52
N PHE C 97 -36.13 -11.67 2.13
CA PHE C 97 -36.99 -11.49 0.99
C PHE C 97 -38.31 -10.88 1.42
N THR C 98 -38.97 -10.20 0.49
CA THR C 98 -40.22 -9.50 0.77
C THR C 98 -41.14 -9.65 -0.42
N PHE C 99 -42.32 -10.21 -0.18
CA PHE C 99 -43.34 -10.32 -1.22
C PHE C 99 -44.21 -9.07 -1.22
N GLY C 100 -44.70 -8.72 -2.41
CA GLY C 100 -45.61 -7.60 -2.52
C GLY C 100 -46.99 -7.93 -2.02
N GLN C 101 -47.82 -6.90 -1.90
CA GLN C 101 -49.17 -7.09 -1.39
C GLN C 101 -49.96 -8.05 -2.26
N GLY C 102 -49.68 -8.09 -3.56
CA GLY C 102 -50.37 -8.98 -4.46
C GLY C 102 -51.53 -8.32 -5.16
N THR C 103 -51.61 -8.48 -6.48
CA THR C 103 -52.67 -7.91 -7.29
C THR C 103 -53.60 -9.01 -7.77
N LYS C 104 -54.89 -8.78 -7.67
CA LYS C 104 -55.91 -9.74 -8.08
C LYS C 104 -56.63 -9.22 -9.32
N VAL C 105 -56.64 -10.01 -10.37
CA VAL C 105 -57.28 -9.64 -11.64
C VAL C 105 -58.62 -10.37 -11.73
N GLU C 106 -59.69 -9.60 -11.95
CA GLU C 106 -61.05 -10.13 -11.92
C GLU C 106 -61.73 -9.89 -13.26
N ILE C 107 -62.59 -10.84 -13.64
CA ILE C 107 -63.30 -10.75 -14.91
C ILE C 107 -64.27 -9.59 -14.88
N LYS C 108 -64.27 -8.78 -15.93
CA LYS C 108 -65.14 -7.62 -16.04
C LYS C 108 -66.39 -7.98 -16.82
N ARG C 109 -67.56 -7.68 -16.26
CA ARG C 109 -68.83 -7.96 -16.90
C ARG C 109 -69.76 -6.78 -16.64
N THR C 110 -71.04 -6.96 -16.96
CA THR C 110 -72.04 -5.91 -16.78
C THR C 110 -73.44 -6.51 -16.64
N GLU D 4 -41.11 -35.29 -11.33
CA GLU D 4 -39.73 -35.74 -11.14
C GLU D 4 -39.14 -35.18 -9.84
N VAL D 5 -39.57 -33.98 -9.47
CA VAL D 5 -39.14 -33.32 -8.24
C VAL D 5 -40.33 -33.27 -7.29
N GLN D 6 -40.13 -33.74 -6.06
CA GLN D 6 -41.21 -33.83 -5.08
C GLN D 6 -40.77 -33.18 -3.78
N LEU D 7 -41.62 -32.31 -3.26
CA LEU D 7 -41.47 -31.73 -1.92
C LEU D 7 -42.76 -32.01 -1.15
N VAL D 8 -42.64 -32.64 0.01
CA VAL D 8 -43.80 -33.05 0.80
C VAL D 8 -43.66 -32.45 2.20
N GLU D 9 -44.68 -31.72 2.62
CA GLU D 9 -44.71 -31.09 3.93
C GLU D 9 -45.65 -31.85 4.85
N SER D 10 -45.24 -32.03 6.10
CA SER D 10 -46.04 -32.75 7.09
C SER D 10 -45.74 -32.21 8.47
N GLY D 11 -46.79 -32.06 9.28
CA GLY D 11 -46.61 -31.59 10.65
C GLY D 11 -47.63 -30.55 11.07
N GLY D 12 -48.45 -30.08 10.12
CA GLY D 12 -49.41 -29.06 10.43
C GLY D 12 -50.57 -29.58 11.27
N GLY D 13 -51.36 -28.65 11.76
CA GLY D 13 -52.49 -28.98 12.60
C GLY D 13 -52.76 -27.87 13.60
N LEU D 14 -53.38 -28.24 14.71
CA LEU D 14 -53.75 -27.28 15.75
C LEU D 14 -52.61 -27.11 16.73
N VAL D 15 -52.49 -25.88 17.25
CA VAL D 15 -51.47 -25.53 18.23
C VAL D 15 -52.09 -24.53 19.19
N GLN D 16 -52.25 -24.92 20.45
CA GLN D 16 -52.79 -24.01 21.44
C GLN D 16 -51.83 -22.85 21.66
N PRO D 17 -52.31 -21.72 22.17
CA PRO D 17 -51.43 -20.55 22.32
C PRO D 17 -50.21 -20.88 23.15
N GLY D 18 -49.06 -20.34 22.74
CA GLY D 18 -47.83 -20.63 23.42
C GLY D 18 -47.28 -22.02 23.19
N GLY D 19 -47.87 -22.77 22.26
CA GLY D 19 -47.44 -24.13 21.99
C GLY D 19 -46.22 -24.18 21.09
N SER D 20 -45.92 -25.40 20.65
CA SER D 20 -44.79 -25.64 19.76
C SER D 20 -45.19 -26.64 18.69
N LEU D 21 -44.52 -26.55 17.55
CA LEU D 21 -44.80 -27.44 16.43
C LEU D 21 -43.52 -27.66 15.64
N ARG D 22 -43.54 -28.69 14.80
CA ARG D 22 -42.38 -29.06 13.99
C ARG D 22 -42.88 -29.47 12.61
N LEU D 23 -42.55 -28.69 11.59
CA LEU D 23 -42.89 -29.01 10.22
C LEU D 23 -41.67 -29.61 9.54
N SER D 24 -41.90 -30.64 8.72
CA SER D 24 -40.82 -31.35 8.04
C SER D 24 -41.10 -31.34 6.54
N CYS D 25 -40.10 -30.97 5.76
CA CYS D 25 -40.20 -30.92 4.30
C CYS D 25 -39.24 -31.95 3.74
N ALA D 26 -39.77 -33.08 3.26
CA ALA D 26 -38.96 -34.14 2.69
C ALA D 26 -38.88 -33.98 1.18
N ALA D 27 -37.66 -34.01 0.65
CA ALA D 27 -37.40 -33.76 -0.76
C ALA D 27 -36.84 -35.01 -1.42
N SER D 28 -37.23 -35.26 -2.66
CA SER D 28 -36.72 -36.41 -3.41
C SER D 28 -36.84 -36.11 -4.90
N GLY D 29 -35.71 -36.08 -5.59
CA GLY D 29 -35.72 -35.87 -7.02
C GLY D 29 -34.69 -34.86 -7.50
N PHE D 30 -33.85 -34.38 -6.60
CA PHE D 30 -32.83 -33.41 -6.98
C PHE D 30 -31.67 -33.50 -6.00
N ASN D 31 -30.57 -32.85 -6.35
CA ASN D 31 -29.38 -32.85 -5.52
C ASN D 31 -29.63 -31.98 -4.30
N PHE D 32 -30.05 -32.59 -3.20
CA PHE D 32 -30.44 -31.83 -2.02
C PHE D 32 -29.28 -31.01 -1.47
N SER D 33 -28.05 -31.47 -1.68
CA SER D 33 -26.89 -30.79 -1.12
C SER D 33 -26.50 -29.55 -1.92
N TYR D 34 -27.05 -29.35 -3.11
CA TYR D 34 -26.72 -28.20 -3.95
C TYR D 34 -27.83 -27.16 -3.97
N SER D 35 -28.85 -27.28 -3.12
CA SER D 35 -30.01 -26.41 -3.15
C SER D 35 -30.29 -25.87 -1.76
N SER D 36 -30.92 -24.69 -1.71
CA SER D 36 -31.32 -24.03 -0.47
C SER D 36 -32.83 -24.09 -0.35
N ILE D 37 -33.32 -24.47 0.84
CA ILE D 37 -34.73 -24.72 1.07
C ILE D 37 -35.32 -23.53 1.80
N HIS D 38 -36.41 -22.98 1.26
CA HIS D 38 -37.09 -21.83 1.84
C HIS D 38 -38.45 -22.23 2.37
N TRP D 39 -38.85 -21.62 3.48
CA TRP D 39 -40.18 -21.77 4.05
C TRP D 39 -40.94 -20.47 3.95
N VAL D 40 -42.17 -20.53 3.45
CA VAL D 40 -42.98 -19.35 3.22
C VAL D 40 -44.34 -19.56 3.87
N ARG D 41 -45.00 -18.45 4.23
CA ARG D 41 -46.31 -18.46 4.86
C ARG D 41 -47.35 -17.89 3.91
N GLN D 42 -48.61 -18.15 4.24
CA GLN D 42 -49.72 -17.39 3.68
C GLN D 42 -50.82 -17.35 4.73
N ALA D 43 -51.07 -16.17 5.29
CA ALA D 43 -52.10 -16.04 6.29
C ALA D 43 -53.46 -16.27 5.64
N PRO D 44 -54.47 -16.62 6.43
CA PRO D 44 -55.78 -16.91 5.82
C PRO D 44 -56.45 -15.65 5.32
N GLY D 45 -56.48 -15.47 4.01
CA GLY D 45 -57.06 -14.31 3.37
C GLY D 45 -56.07 -13.24 2.97
N LYS D 46 -54.84 -13.30 3.47
CA LYS D 46 -53.81 -12.33 3.14
C LYS D 46 -52.82 -12.94 2.13
N GLY D 47 -51.73 -12.23 1.87
CA GLY D 47 -50.76 -12.64 0.88
C GLY D 47 -49.58 -13.39 1.48
N LEU D 48 -48.70 -13.84 0.59
CA LEU D 48 -47.54 -14.62 0.98
C LEU D 48 -46.59 -13.79 1.82
N GLU D 49 -45.98 -14.41 2.82
CA GLU D 49 -44.94 -13.79 3.62
C GLU D 49 -43.81 -14.78 3.82
N TRP D 50 -42.58 -14.36 3.52
CA TRP D 50 -41.42 -15.23 3.58
C TRP D 50 -40.96 -15.40 5.03
N VAL D 51 -40.62 -16.64 5.40
CA VAL D 51 -40.29 -16.96 6.79
C VAL D 51 -38.78 -17.11 6.99
N ALA D 52 -38.15 -18.05 6.30
CA ALA D 52 -36.72 -18.31 6.50
C ALA D 52 -36.23 -19.26 5.41
N TYR D 53 -34.94 -19.62 5.48
CA TYR D 53 -34.40 -20.67 4.61
C TYR D 53 -33.15 -21.26 5.27
N ILE D 54 -32.53 -22.20 4.57
CA ILE D 54 -31.29 -22.83 5.01
C ILE D 54 -30.54 -23.33 3.78
N TYR D 55 -29.22 -23.15 3.80
CA TYR D 55 -28.36 -23.80 2.81
C TYR D 55 -28.05 -25.20 3.30
N SER D 56 -28.51 -26.21 2.56
CA SER D 56 -28.48 -27.57 3.08
C SER D 56 -27.05 -28.00 3.42
N SER D 57 -26.10 -27.72 2.54
CA SER D 57 -24.75 -28.25 2.69
C SER D 57 -23.84 -27.38 3.55
N TYR D 58 -24.28 -26.20 3.96
CA TYR D 58 -23.43 -25.33 4.77
C TYR D 58 -24.13 -24.68 5.95
N GLY D 59 -25.46 -24.75 6.07
CA GLY D 59 -26.15 -24.17 7.20
C GLY D 59 -26.06 -22.66 7.27
N TYR D 60 -26.27 -21.97 6.15
CA TYR D 60 -26.32 -20.52 6.13
C TYR D 60 -27.75 -20.04 6.35
N THR D 61 -28.21 -20.23 7.59
CA THR D 61 -29.60 -19.94 7.93
C THR D 61 -29.86 -18.44 7.98
N SER D 62 -31.11 -18.07 7.72
CA SER D 62 -31.55 -16.68 7.79
C SER D 62 -33.04 -16.67 8.09
N TYR D 63 -33.48 -15.70 8.89
CA TYR D 63 -34.84 -15.65 9.39
C TYR D 63 -35.48 -14.31 9.09
N ALA D 64 -36.80 -14.30 9.06
CA ALA D 64 -37.56 -13.08 8.89
C ALA D 64 -37.67 -12.34 10.22
N ASP D 65 -38.11 -11.09 10.14
CA ASP D 65 -38.16 -10.25 11.34
C ASP D 65 -39.24 -10.70 12.32
N SER D 66 -40.35 -11.23 11.81
CA SER D 66 -41.46 -11.61 12.67
C SER D 66 -41.29 -12.98 13.31
N VAL D 67 -40.26 -13.74 12.92
CA VAL D 67 -40.05 -15.08 13.45
C VAL D 67 -38.68 -15.24 14.09
N LYS D 68 -37.76 -14.30 13.91
CA LYS D 68 -36.44 -14.44 14.49
C LYS D 68 -36.55 -14.63 16.00
N GLY D 69 -35.81 -15.61 16.52
CA GLY D 69 -35.86 -15.93 17.93
C GLY D 69 -37.01 -16.81 18.34
N ARG D 70 -37.84 -17.26 17.40
CA ARG D 70 -38.93 -18.17 17.71
C ARG D 70 -38.91 -19.37 16.77
N PHE D 71 -38.44 -19.17 15.54
CA PHE D 71 -38.39 -20.21 14.52
C PHE D 71 -36.94 -20.58 14.24
N THR D 72 -36.69 -21.86 14.00
CA THR D 72 -35.37 -22.34 13.63
C THR D 72 -35.48 -23.37 12.52
N ILE D 73 -34.39 -23.54 11.78
CA ILE D 73 -34.34 -24.47 10.66
C ILE D 73 -33.15 -25.40 10.83
N SER D 74 -33.27 -26.61 10.31
CA SER D 74 -32.18 -27.57 10.30
C SER D 74 -32.37 -28.51 9.12
N ALA D 75 -31.31 -28.70 8.34
CA ALA D 75 -31.36 -29.51 7.13
C ALA D 75 -30.55 -30.78 7.33
N ASP D 76 -31.15 -31.92 7.03
CA ASP D 76 -30.50 -33.22 7.08
C ASP D 76 -30.30 -33.70 5.64
N THR D 77 -29.06 -33.63 5.15
CA THR D 77 -28.78 -34.04 3.79
C THR D 77 -28.78 -35.55 3.63
N SER D 78 -28.42 -36.30 4.68
CA SER D 78 -28.41 -37.74 4.60
C SER D 78 -29.81 -38.28 4.31
N LYS D 79 -30.83 -37.74 4.99
CA LYS D 79 -32.21 -38.12 4.74
C LYS D 79 -32.89 -37.24 3.69
N ASN D 80 -32.26 -36.15 3.27
CA ASN D 80 -32.85 -35.23 2.30
C ASN D 80 -34.18 -34.68 2.81
N THR D 81 -34.12 -33.98 3.95
CA THR D 81 -35.30 -33.37 4.54
C THR D 81 -34.88 -32.11 5.29
N ALA D 82 -35.70 -31.06 5.17
CA ALA D 82 -35.49 -29.79 5.87
C ALA D 82 -36.59 -29.61 6.90
N TYR D 83 -36.21 -29.34 8.15
CA TYR D 83 -37.14 -29.21 9.26
C TYR D 83 -37.20 -27.77 9.75
N LEU D 84 -38.42 -27.27 9.94
CA LEU D 84 -38.67 -25.98 10.57
C LEU D 84 -39.33 -26.23 11.91
N GLN D 85 -38.66 -25.84 12.98
CA GLN D 85 -39.19 -25.96 14.34
C GLN D 85 -39.78 -24.62 14.76
N MET D 86 -41.07 -24.62 15.08
CA MET D 86 -41.80 -23.40 15.43
C MET D 86 -42.13 -23.44 16.91
N ASN D 87 -41.83 -22.36 17.61
CA ASN D 87 -41.98 -22.27 19.06
C ASN D 87 -42.77 -21.01 19.43
N SER D 88 -43.61 -21.13 20.46
CA SER D 88 -44.36 -20.00 20.99
C SER D 88 -45.23 -19.36 19.90
N LEU D 89 -46.18 -20.13 19.40
CA LEU D 89 -47.03 -19.69 18.29
C LEU D 89 -48.10 -18.74 18.82
N ARG D 90 -47.90 -17.45 18.57
CA ARG D 90 -48.93 -16.46 18.87
C ARG D 90 -50.08 -16.60 17.89
N ALA D 91 -51.28 -16.20 18.33
CA ALA D 91 -52.49 -16.45 17.55
C ALA D 91 -52.37 -15.94 16.11
N GLU D 92 -51.40 -15.08 15.82
CA GLU D 92 -51.20 -14.55 14.48
C GLU D 92 -50.32 -15.43 13.61
N ASP D 93 -49.86 -16.57 14.11
CA ASP D 93 -49.03 -17.48 13.34
C ASP D 93 -49.84 -18.48 12.52
N THR D 94 -51.16 -18.48 12.66
CA THR D 94 -51.99 -19.35 11.81
C THR D 94 -51.83 -18.95 10.36
N ALA D 95 -51.61 -19.93 9.49
CA ALA D 95 -51.32 -19.68 8.09
C ALA D 95 -51.28 -21.02 7.37
N VAL D 96 -50.88 -21.01 6.12
CA VAL D 96 -50.49 -22.21 5.38
C VAL D 96 -49.02 -22.06 5.04
N TYR D 97 -48.23 -23.08 5.38
CA TYR D 97 -46.78 -23.02 5.23
C TYR D 97 -46.35 -23.84 4.02
N TYR D 98 -45.60 -23.21 3.12
CA TYR D 98 -45.11 -23.83 1.90
C TYR D 98 -43.61 -24.00 1.98
N CYS D 99 -43.10 -25.08 1.41
CA CYS D 99 -41.68 -25.37 1.34
C CYS D 99 -41.27 -25.31 -0.12
N ALA D 100 -40.27 -24.48 -0.42
CA ALA D 100 -39.78 -24.30 -1.77
C ALA D 100 -38.27 -24.48 -1.76
N ARG D 101 -37.69 -24.62 -2.96
CA ARG D 101 -36.25 -24.82 -3.09
C ARG D 101 -35.68 -23.91 -4.16
N VAL D 102 -34.41 -23.58 -4.00
CA VAL D 102 -33.69 -22.70 -4.92
C VAL D 102 -32.33 -23.30 -5.21
N TYR D 103 -31.76 -22.91 -6.35
CA TYR D 103 -30.36 -23.18 -6.65
C TYR D 103 -29.61 -21.86 -6.62
N PRO D 104 -28.86 -21.56 -5.56
CA PRO D 104 -28.29 -20.21 -5.44
C PRO D 104 -27.18 -19.94 -6.44
N TRP D 105 -27.52 -19.84 -7.71
CA TRP D 105 -26.52 -19.53 -8.72
C TRP D 105 -25.89 -18.19 -8.41
N TRP D 106 -24.57 -18.10 -8.63
CA TRP D 106 -23.82 -16.90 -8.27
C TRP D 106 -23.94 -15.88 -9.40
N TYR D 107 -24.59 -14.76 -9.11
CA TYR D 107 -24.51 -13.57 -9.96
C TYR D 107 -23.58 -12.56 -9.29
N TYR D 108 -23.01 -11.69 -10.11
CA TYR D 108 -21.96 -10.81 -9.60
C TYR D 108 -22.45 -9.93 -8.47
N LYS D 109 -23.65 -9.36 -8.62
CA LYS D 109 -24.18 -8.40 -7.65
C LYS D 109 -25.10 -9.02 -6.60
N TYR D 110 -25.48 -10.28 -6.76
CA TYR D 110 -26.42 -10.93 -5.85
C TYR D 110 -26.43 -12.42 -6.17
N TYR D 111 -27.26 -13.17 -5.45
CA TYR D 111 -27.43 -14.59 -5.66
C TYR D 111 -28.85 -14.88 -6.12
N HIS D 112 -29.00 -15.92 -6.93
CA HIS D 112 -30.32 -16.36 -7.36
C HIS D 112 -31.16 -16.73 -6.15
N GLY D 113 -32.41 -16.26 -6.13
CA GLY D 113 -33.29 -16.53 -5.01
C GLY D 113 -34.74 -16.73 -5.42
N ALA D 114 -34.99 -17.04 -6.69
CA ALA D 114 -36.34 -17.23 -7.18
C ALA D 114 -36.76 -18.67 -6.91
N LEU D 115 -37.71 -18.84 -5.99
CA LEU D 115 -38.15 -20.17 -5.57
C LEU D 115 -38.75 -20.92 -6.75
N ASP D 116 -38.05 -21.95 -7.22
CA ASP D 116 -38.47 -22.65 -8.43
C ASP D 116 -39.66 -23.55 -8.18
N TYR D 117 -39.50 -24.54 -7.31
CA TYR D 117 -40.51 -25.55 -7.04
C TYR D 117 -41.10 -25.31 -5.65
N TRP D 118 -42.43 -25.27 -5.58
CA TRP D 118 -43.15 -25.10 -4.33
C TRP D 118 -43.83 -26.40 -3.94
N GLY D 119 -43.90 -26.66 -2.64
CA GLY D 119 -44.61 -27.82 -2.16
C GLY D 119 -46.10 -27.66 -2.36
N GLN D 120 -46.91 -28.33 -1.52
CA GLN D 120 -48.36 -28.20 -1.59
C GLN D 120 -48.95 -27.65 -0.30
N GLY D 121 -48.13 -27.17 0.62
CA GLY D 121 -48.61 -26.46 1.78
C GLY D 121 -49.20 -27.35 2.86
N THR D 122 -49.00 -26.95 4.11
CA THR D 122 -49.61 -27.60 5.26
C THR D 122 -50.21 -26.55 6.17
N LEU D 123 -51.43 -26.79 6.64
CA LEU D 123 -52.15 -25.81 7.43
C LEU D 123 -51.68 -25.82 8.87
N VAL D 124 -51.57 -24.63 9.46
CA VAL D 124 -51.26 -24.47 10.88
C VAL D 124 -52.32 -23.56 11.48
N THR D 125 -53.05 -24.08 12.46
CA THR D 125 -54.04 -23.30 13.19
C THR D 125 -53.53 -23.03 14.60
N VAL D 126 -53.71 -21.81 15.08
CA VAL D 126 -53.28 -21.40 16.40
C VAL D 126 -54.50 -20.80 17.09
N SER D 127 -55.26 -21.64 17.80
CA SER D 127 -56.47 -21.18 18.45
C SER D 127 -56.76 -22.08 19.63
N SER D 128 -57.53 -21.55 20.58
CA SER D 128 -57.92 -22.25 21.80
C SER D 128 -59.44 -22.37 21.81
N ALA D 129 -59.94 -23.48 21.25
CA ALA D 129 -61.38 -23.68 21.19
C ALA D 129 -61.66 -25.17 21.07
N SER D 130 -62.90 -25.55 21.39
CA SER D 130 -63.32 -26.94 21.32
C SER D 130 -63.41 -27.40 19.87
N ASP E 2 29.23 36.60 -2.47
CA ASP E 2 29.51 35.68 -1.37
C ASP E 2 28.86 36.19 -0.09
N ILE E 3 28.97 35.40 0.97
CA ILE E 3 28.38 35.72 2.27
C ILE E 3 29.47 36.24 3.18
N GLN E 4 29.32 37.48 3.63
CA GLN E 4 30.29 38.06 4.55
C GLN E 4 30.23 37.33 5.89
N MET E 5 31.30 37.48 6.66
CA MET E 5 31.38 36.82 7.97
C MET E 5 32.33 37.66 8.82
N THR E 6 31.78 38.33 9.82
CA THR E 6 32.54 39.29 10.60
C THR E 6 33.09 38.63 11.86
N GLN E 7 34.41 38.65 12.02
CA GLN E 7 35.08 38.01 13.13
C GLN E 7 35.76 39.09 13.98
N SER E 8 35.50 39.07 15.28
CA SER E 8 36.10 40.01 16.20
C SER E 8 36.47 39.28 17.48
N PRO E 9 37.48 39.78 18.21
CA PRO E 9 38.32 40.94 17.93
C PRO E 9 39.53 40.53 17.09
N SER E 10 40.29 41.50 16.58
CA SER E 10 41.40 41.23 15.69
C SER E 10 42.72 41.01 16.42
N SER E 11 42.74 41.02 17.74
CA SER E 11 43.96 40.73 18.47
C SER E 11 43.70 40.46 19.94
N LEU E 12 44.22 39.34 20.45
CA LEU E 12 44.11 38.97 21.85
C LEU E 12 45.47 39.10 22.51
N SER E 13 45.49 39.73 23.69
CA SER E 13 46.69 39.86 24.49
C SER E 13 46.70 38.91 25.67
N ALA E 14 45.90 37.84 25.60
CA ALA E 14 45.79 36.92 26.73
C ALA E 14 47.14 36.29 27.04
N SER E 15 47.40 36.08 28.34
CA SER E 15 48.63 35.47 28.81
C SER E 15 48.45 33.96 28.93
N VAL E 16 49.54 33.28 29.30
CA VAL E 16 49.52 31.82 29.35
C VAL E 16 48.54 31.35 30.42
N GLY E 17 47.90 30.21 30.15
CA GLY E 17 47.03 29.56 31.10
C GLY E 17 45.66 30.17 31.26
N ASP E 18 45.31 31.18 30.45
CA ASP E 18 44.05 31.90 30.59
C ASP E 18 43.03 31.38 29.58
N ARG E 19 41.83 31.96 29.63
CA ARG E 19 40.74 31.59 28.75
C ARG E 19 40.58 32.64 27.67
N VAL E 20 40.50 32.19 26.42
CA VAL E 20 40.39 33.06 25.26
C VAL E 20 39.13 32.69 24.49
N THR E 21 38.42 33.70 24.01
CA THR E 21 37.20 33.51 23.23
C THR E 21 37.26 34.37 21.98
N ILE E 22 36.85 33.79 20.86
CA ILE E 22 36.76 34.49 19.58
C ILE E 22 35.37 34.24 19.02
N THR E 23 34.86 35.21 18.27
CA THR E 23 33.50 35.13 17.73
C THR E 23 33.48 35.49 16.26
N CYS E 24 32.57 34.84 15.53
CA CYS E 24 32.34 35.07 14.11
C CYS E 24 30.85 35.02 13.85
N ARG E 25 30.29 36.11 13.34
CA ARG E 25 28.87 36.21 13.06
C ARG E 25 28.65 36.22 11.55
N ALA E 26 27.77 35.35 11.06
CA ALA E 26 27.48 35.31 9.64
C ALA E 26 26.44 36.37 9.28
N SER E 27 26.19 36.49 7.97
CA SER E 27 25.16 37.40 7.48
C SER E 27 23.84 36.67 7.31
N GLN E 28 23.82 35.63 6.48
CA GLN E 28 22.66 34.75 6.35
C GLN E 28 22.77 33.63 7.38
N SER E 29 21.94 32.62 7.24
CA SER E 29 21.95 31.47 8.14
C SER E 29 22.74 30.34 7.50
N VAL E 30 23.75 29.86 8.20
CA VAL E 30 24.53 28.69 7.80
C VAL E 30 24.29 27.61 8.85
N SER E 31 23.80 26.45 8.40
CA SER E 31 23.33 25.41 9.31
C SER E 31 24.50 24.57 9.80
N SER E 32 25.19 25.09 10.80
CA SER E 32 26.27 24.36 11.46
C SER E 32 27.32 23.90 10.46
N ALA E 33 27.68 24.78 9.53
CA ALA E 33 28.69 24.50 8.52
C ALA E 33 29.84 25.50 8.62
N VAL E 34 30.29 25.76 9.85
CA VAL E 34 31.35 26.73 10.11
C VAL E 34 32.51 26.02 10.79
N ALA E 35 33.72 26.24 10.28
CA ALA E 35 34.93 25.59 10.76
C ALA E 35 35.96 26.64 11.14
N TRP E 36 36.79 26.30 12.13
CA TRP E 36 37.84 27.19 12.63
C TRP E 36 39.20 26.59 12.32
N TYR E 37 40.07 27.38 11.70
CA TYR E 37 41.42 26.98 11.37
C TYR E 37 42.41 27.86 12.10
N GLN E 38 43.62 27.34 12.35
CA GLN E 38 44.70 28.12 12.90
C GLN E 38 45.91 28.05 11.97
N GLN E 39 46.69 29.13 11.95
CA GLN E 39 47.86 29.21 11.10
C GLN E 39 49.00 29.82 11.88
N LYS E 40 50.13 29.12 11.94
CA LYS E 40 51.34 29.65 12.51
C LYS E 40 51.99 30.62 11.53
N PRO E 41 52.86 31.51 12.00
CA PRO E 41 53.53 32.43 11.08
C PRO E 41 54.29 31.68 10.01
N GLY E 42 53.88 31.87 8.75
CA GLY E 42 54.54 31.25 7.62
C GLY E 42 54.44 29.74 7.61
N LYS E 43 53.23 29.21 7.83
CA LYS E 43 52.99 27.78 7.75
C LYS E 43 51.57 27.55 7.27
N ALA E 44 51.34 26.34 6.74
CA ALA E 44 50.03 26.02 6.21
C ALA E 44 49.00 25.94 7.34
N PRO E 45 47.76 26.36 7.11
CA PRO E 45 46.73 26.23 8.14
C PRO E 45 46.40 24.76 8.40
N LYS E 46 45.85 24.51 9.59
CA LYS E 46 45.42 23.18 9.96
C LYS E 46 44.03 23.26 10.56
N LEU E 47 43.15 22.36 10.12
CA LEU E 47 41.78 22.33 10.62
C LEU E 47 41.78 22.19 12.13
N LEU E 48 40.92 22.96 12.79
CA LEU E 48 40.79 22.93 14.24
C LEU E 48 39.42 22.45 14.68
N ILE E 49 38.36 22.96 14.06
CA ILE E 49 36.99 22.55 14.35
C ILE E 49 36.26 22.44 13.01
N TYR E 50 35.58 21.31 12.80
CA TYR E 50 34.76 21.12 11.62
C TYR E 50 33.33 20.87 12.06
N SER E 51 32.38 21.24 11.19
CA SER E 51 31.00 21.39 11.60
C SER E 51 30.94 22.48 12.67
N ALA E 52 29.77 22.73 13.23
CA ALA E 52 29.66 23.83 14.19
C ALA E 52 30.58 23.64 15.38
N SER E 53 30.60 22.42 15.94
CA SER E 53 31.34 22.16 17.17
C SER E 53 32.16 20.88 17.18
N SER E 54 32.02 20.01 16.18
CA SER E 54 32.72 18.74 16.21
C SER E 54 34.23 18.94 16.16
N LEU E 55 34.90 18.73 17.28
CA LEU E 55 36.35 18.91 17.33
C LEU E 55 37.04 17.93 16.39
N TYR E 56 38.09 18.41 15.72
CA TYR E 56 38.85 17.56 14.83
C TYR E 56 39.58 16.48 15.63
N SER E 57 39.90 15.38 14.94
CA SER E 57 40.52 14.22 15.57
C SER E 57 42.03 14.44 15.62
N GLY E 58 42.50 14.96 16.75
CA GLY E 58 43.92 15.14 16.95
C GLY E 58 44.28 16.42 17.68
N VAL E 59 43.44 17.45 17.55
CA VAL E 59 43.69 18.72 18.22
C VAL E 59 43.46 18.53 19.71
N PRO E 60 44.16 19.26 20.57
CA PRO E 60 43.90 19.13 22.01
C PRO E 60 42.44 19.36 22.35
N SER E 61 42.03 18.97 23.56
CA SER E 61 40.65 19.16 23.98
C SER E 61 40.38 20.57 24.47
N ARG E 62 41.40 21.43 24.53
CA ARG E 62 41.19 22.81 24.92
C ARG E 62 40.22 23.51 23.99
N PHE E 63 40.42 23.33 22.68
CA PHE E 63 39.61 24.03 21.69
C PHE E 63 38.20 23.45 21.67
N SER E 64 37.20 24.34 21.71
CA SER E 64 35.82 23.93 21.67
C SER E 64 34.99 25.00 20.99
N GLY E 65 34.19 24.61 20.01
CA GLY E 65 33.33 25.53 19.29
C GLY E 65 31.88 25.42 19.74
N SER E 66 31.11 26.44 19.39
CA SER E 66 29.69 26.46 19.73
C SER E 66 28.93 27.14 18.60
N ARG E 67 27.62 27.28 18.79
CA ARG E 67 26.77 27.97 17.83
C ARG E 67 25.59 28.57 18.56
N SER E 68 25.14 29.72 18.07
CA SER E 68 23.93 30.36 18.60
C SER E 68 23.28 31.12 17.43
N GLY E 69 22.35 30.45 16.75
CA GLY E 69 21.78 31.01 15.54
C GLY E 69 22.82 31.11 14.46
N THR E 70 23.28 32.33 14.16
CA THR E 70 24.36 32.56 13.20
C THR E 70 25.59 33.14 13.87
N ASP E 71 25.73 32.98 15.18
CA ASP E 71 26.78 33.62 15.96
C ASP E 71 27.66 32.52 16.57
N PHE E 72 28.67 32.10 15.82
CA PHE E 72 29.57 31.04 16.26
C PHE E 72 30.71 31.59 17.09
N THR E 73 31.29 30.74 17.94
CA THR E 73 32.37 31.17 18.82
C THR E 73 33.32 30.01 19.08
N LEU E 74 34.58 30.34 19.34
CA LEU E 74 35.63 29.38 19.66
C LEU E 74 36.25 29.76 20.99
N THR E 75 36.48 28.77 21.84
CA THR E 75 37.03 29.00 23.17
C THR E 75 38.24 28.09 23.39
N ILE E 76 39.34 28.67 23.83
CA ILE E 76 40.54 27.94 24.23
C ILE E 76 40.65 28.12 25.75
N SER E 77 40.52 27.03 26.49
CA SER E 77 40.41 27.13 27.94
C SER E 77 41.72 27.59 28.57
N SER E 78 42.84 26.97 28.20
CA SER E 78 44.14 27.29 28.78
C SER E 78 45.11 27.60 27.64
N LEU E 79 45.50 28.87 27.55
CA LEU E 79 46.33 29.34 26.44
C LEU E 79 47.77 28.87 26.66
N GLN E 80 47.97 27.57 26.45
CA GLN E 80 49.31 27.01 26.53
C GLN E 80 50.19 27.66 25.45
N PRO E 81 51.48 27.84 25.72
CA PRO E 81 52.29 28.70 24.82
C PRO E 81 52.27 28.28 23.37
N GLU E 82 51.91 27.04 23.06
CA GLU E 82 51.82 26.63 21.66
C GLU E 82 50.62 27.23 20.95
N ASP E 83 49.70 27.88 21.67
CA ASP E 83 48.43 28.35 21.11
C ASP E 83 48.47 29.82 20.71
N PHE E 84 49.62 30.35 20.34
CA PHE E 84 49.74 31.74 19.89
C PHE E 84 49.88 31.74 18.38
N ALA E 85 48.78 31.99 17.68
CA ALA E 85 48.73 31.95 16.23
C ALA E 85 47.50 32.71 15.79
N THR E 86 47.18 32.62 14.50
CA THR E 86 46.01 33.28 13.93
C THR E 86 44.90 32.25 13.74
N TYR E 87 43.66 32.69 13.93
CA TYR E 87 42.50 31.80 13.87
C TYR E 87 41.48 32.37 12.90
N TYR E 88 40.99 31.53 11.98
CA TYR E 88 40.07 31.94 10.94
C TYR E 88 38.77 31.15 11.02
N CYS E 89 37.65 31.84 10.82
CA CYS E 89 36.33 31.25 10.73
C CYS E 89 35.90 31.13 9.26
N GLN E 90 35.28 30.00 8.93
CA GLN E 90 34.93 29.64 7.56
C GLN E 90 33.49 29.18 7.50
N GLN E 91 32.91 29.24 6.31
CA GLN E 91 31.58 28.68 6.06
C GLN E 91 31.56 27.97 4.72
N SER E 92 30.92 26.81 4.67
CA SER E 92 30.81 26.02 3.46
C SER E 92 29.37 25.85 2.99
N TYR E 93 28.40 26.44 3.69
CA TYR E 93 27.01 26.16 3.38
C TYR E 93 26.65 26.70 1.99
N TYR E 94 27.15 27.90 1.65
CA TYR E 94 27.01 28.46 0.31
C TYR E 94 28.39 28.69 -0.28
N TYR E 95 28.59 28.25 -1.52
CA TYR E 95 29.76 28.67 -2.25
C TYR E 95 29.55 30.06 -2.82
N PRO E 96 30.60 30.87 -2.95
CA PRO E 96 32.01 30.59 -2.61
C PRO E 96 32.26 30.54 -1.12
N ILE E 97 33.20 29.71 -0.67
CA ILE E 97 33.52 29.63 0.74
C ILE E 97 34.18 30.93 1.17
N THR E 98 33.74 31.46 2.31
CA THR E 98 34.21 32.74 2.83
C THR E 98 34.90 32.52 4.15
N PHE E 99 36.10 33.09 4.30
CA PHE E 99 36.84 33.04 5.54
C PHE E 99 36.58 34.30 6.36
N GLY E 100 37.13 34.32 7.57
CA GLY E 100 37.07 35.49 8.42
C GLY E 100 38.27 36.39 8.19
N GLN E 101 38.38 37.40 9.06
CA GLN E 101 39.49 38.34 8.99
C GLN E 101 40.72 37.87 9.76
N GLY E 102 40.62 36.79 10.53
CA GLY E 102 41.72 36.35 11.35
C GLY E 102 41.74 37.03 12.71
N THR E 103 42.52 36.46 13.62
CA THR E 103 42.62 37.02 14.97
C THR E 103 43.94 36.55 15.56
N LYS E 104 44.95 37.41 15.52
CA LYS E 104 46.27 37.05 16.03
C LYS E 104 46.25 37.08 17.55
N VAL E 105 46.78 36.03 18.17
CA VAL E 105 46.88 35.93 19.63
C VAL E 105 48.34 36.12 20.01
N GLU E 106 48.61 37.13 20.83
CA GLU E 106 49.97 37.51 21.20
C GLU E 106 50.12 37.52 22.71
N ILE E 107 51.31 37.15 23.17
CA ILE E 107 51.58 37.12 24.60
C ILE E 107 51.51 38.52 25.19
N LYS E 108 51.10 38.60 26.45
CA LYS E 108 51.02 39.88 27.14
C LYS E 108 52.42 40.40 27.45
N VAL F 5 47.90 10.22 4.07
CA VAL F 5 47.59 11.12 2.95
C VAL F 5 48.64 12.22 2.89
N GLN F 6 48.89 12.72 1.68
CA GLN F 6 49.86 13.79 1.50
C GLN F 6 49.64 14.44 0.14
N LEU F 7 49.50 15.76 0.14
CA LEU F 7 49.35 16.55 -1.07
C LEU F 7 50.62 17.35 -1.31
N VAL F 8 51.10 17.35 -2.55
CA VAL F 8 52.31 18.06 -2.94
C VAL F 8 51.94 19.06 -4.03
N GLU F 9 52.37 20.31 -3.86
CA GLU F 9 52.08 21.38 -4.79
C GLU F 9 53.33 21.69 -5.60
N SER F 10 53.17 21.80 -6.93
CA SER F 10 54.26 22.15 -7.82
C SER F 10 53.83 23.34 -8.68
N GLY F 11 54.75 24.27 -8.87
CA GLY F 11 54.44 25.47 -9.62
C GLY F 11 55.18 26.69 -9.09
N GLY F 12 54.43 27.74 -8.73
CA GLY F 12 55.06 28.92 -8.20
C GLY F 12 55.83 29.67 -9.27
N GLY F 13 56.79 30.46 -8.81
CA GLY F 13 57.64 31.21 -9.72
C GLY F 13 56.99 32.50 -10.19
N LEU F 14 57.73 33.60 -10.12
CA LEU F 14 57.18 34.88 -10.52
C LEU F 14 56.84 34.89 -11.99
N VAL F 15 55.76 35.61 -12.33
CA VAL F 15 55.29 35.73 -13.70
C VAL F 15 55.12 37.21 -14.02
N GLN F 16 55.10 37.52 -15.30
CA GLN F 16 54.88 38.88 -15.75
C GLN F 16 53.40 39.23 -15.69
N PRO F 17 53.05 40.51 -15.57
CA PRO F 17 51.64 40.88 -15.55
C PRO F 17 50.94 40.47 -16.84
N GLY F 18 49.72 39.96 -16.70
CA GLY F 18 48.95 39.51 -17.84
C GLY F 18 49.34 38.13 -18.35
N GLY F 19 50.34 37.50 -17.75
CA GLY F 19 50.80 36.19 -18.19
C GLY F 19 49.89 35.08 -17.77
N SER F 20 50.47 33.90 -17.54
CA SER F 20 49.71 32.74 -17.12
C SER F 20 50.63 31.78 -16.39
N LEU F 21 50.03 30.87 -15.64
CA LEU F 21 50.77 29.88 -14.87
C LEU F 21 49.89 28.66 -14.70
N ARG F 22 50.51 27.55 -14.29
CA ARG F 22 49.80 26.28 -14.13
C ARG F 22 50.34 25.57 -12.89
N LEU F 23 49.55 25.56 -11.83
CA LEU F 23 49.91 24.85 -10.61
C LEU F 23 49.29 23.46 -10.62
N SER F 24 49.99 22.52 -10.00
CA SER F 24 49.54 21.14 -9.92
C SER F 24 49.57 20.67 -8.47
N CYS F 25 48.54 19.92 -8.08
CA CYS F 25 48.45 19.32 -6.76
C CYS F 25 48.28 17.83 -6.95
N ALA F 26 49.27 17.06 -6.53
CA ALA F 26 49.27 15.60 -6.67
C ALA F 26 49.09 14.97 -5.30
N ALA F 27 48.12 14.06 -5.20
CA ALA F 27 47.71 13.48 -3.93
C ALA F 27 48.05 12.00 -3.89
N SER F 28 48.64 11.56 -2.79
CA SER F 28 48.94 10.16 -2.54
C SER F 28 48.32 9.74 -1.22
N GLY F 29 47.70 8.57 -1.22
CA GLY F 29 47.07 8.03 -0.04
C GLY F 29 45.57 7.88 -0.11
N PHE F 30 44.95 8.34 -1.19
CA PHE F 30 43.51 8.19 -1.35
C PHE F 30 43.16 8.31 -2.84
N ASN F 31 41.98 7.82 -3.19
CA ASN F 31 41.46 7.96 -4.55
C ASN F 31 40.88 9.35 -4.70
N ILE F 32 41.50 10.16 -5.56
CA ILE F 32 41.12 11.56 -5.69
C ILE F 32 39.68 11.68 -6.18
N SER F 33 39.12 10.62 -6.77
CA SER F 33 37.77 10.66 -7.30
C SER F 33 36.70 10.68 -6.22
N SER F 34 37.04 10.36 -4.98
CA SER F 34 36.08 10.27 -3.89
C SER F 34 36.11 11.49 -2.98
N SER F 35 36.80 12.56 -3.39
CA SER F 35 36.87 13.77 -2.59
C SER F 35 37.04 14.96 -3.51
N SER F 36 36.70 16.14 -3.01
CA SER F 36 36.79 17.37 -3.76
C SER F 36 38.09 18.08 -3.42
N ILE F 37 38.74 18.65 -4.43
CA ILE F 37 40.04 19.28 -4.28
C ILE F 37 39.85 20.78 -4.34
N HIS F 38 40.28 21.49 -3.31
CA HIS F 38 40.12 22.93 -3.19
C HIS F 38 41.46 23.61 -3.30
N TRP F 39 41.46 24.79 -3.91
CA TRP F 39 42.63 25.65 -3.97
C TRP F 39 42.36 26.92 -3.18
N VAL F 40 43.19 27.17 -2.17
CA VAL F 40 43.06 28.34 -1.31
C VAL F 40 44.33 29.17 -1.48
N ARG F 41 44.25 30.43 -1.09
CA ARG F 41 45.41 31.32 -1.21
C ARG F 41 45.44 32.29 -0.06
N GLN F 42 46.64 32.77 0.26
CA GLN F 42 46.84 33.77 1.29
C GLN F 42 47.77 34.85 0.75
N ALA F 43 47.27 36.06 0.63
CA ALA F 43 48.08 37.15 0.09
C ALA F 43 49.13 37.55 1.10
N PRO F 44 50.17 38.26 0.68
CA PRO F 44 51.23 38.64 1.62
C PRO F 44 50.69 39.49 2.76
N GLY F 45 50.74 38.95 3.98
CA GLY F 45 50.24 39.64 5.15
C GLY F 45 48.75 39.89 5.11
N LYS F 46 47.97 38.87 4.75
CA LYS F 46 46.52 38.98 4.71
C LYS F 46 45.92 37.62 5.03
N GLY F 47 44.59 37.60 5.13
CA GLY F 47 43.88 36.38 5.48
C GLY F 47 43.70 35.45 4.30
N LEU F 48 43.28 34.23 4.62
CA LEU F 48 43.04 33.23 3.60
C LEU F 48 41.89 33.65 2.71
N GLU F 49 41.98 33.31 1.42
CA GLU F 49 40.91 33.56 0.47
C GLU F 49 40.73 32.34 -0.43
N TRP F 50 39.49 31.96 -0.65
CA TRP F 50 39.16 30.84 -1.53
C TRP F 50 39.46 31.19 -2.98
N VAL F 51 39.79 30.16 -3.77
CA VAL F 51 40.11 30.37 -5.18
C VAL F 51 39.26 29.48 -6.09
N ALA F 52 39.24 28.17 -5.85
CA ALA F 52 38.50 27.27 -6.72
C ALA F 52 38.32 25.93 -6.03
N SER F 53 37.49 25.08 -6.65
CA SER F 53 37.25 23.72 -6.17
C SER F 53 36.77 22.86 -7.33
N ILE F 54 37.03 21.55 -7.23
CA ILE F 54 36.70 20.61 -8.31
C ILE F 54 36.30 19.27 -7.70
N SER F 55 35.39 18.58 -8.41
CA SER F 55 35.10 17.17 -8.14
C SER F 55 35.78 16.34 -9.21
N PRO F 56 36.81 15.56 -8.90
CA PRO F 56 37.54 14.84 -9.95
C PRO F 56 36.78 13.67 -10.56
N SER F 57 35.52 13.45 -10.18
CA SER F 57 34.76 12.31 -10.70
C SER F 57 34.02 12.66 -11.98
N TYR F 58 33.14 13.66 -11.92
CA TYR F 58 32.37 14.09 -13.08
C TYR F 58 32.74 15.49 -13.57
N GLY F 59 33.58 16.22 -12.84
CA GLY F 59 34.08 17.48 -13.32
C GLY F 59 33.29 18.71 -12.93
N TYR F 60 32.55 18.67 -11.83
CA TYR F 60 31.82 19.84 -11.36
C TYR F 60 32.79 20.77 -10.66
N THR F 61 32.93 22.00 -11.17
CA THR F 61 33.90 22.96 -10.67
C THR F 61 33.19 24.24 -10.25
N SER F 62 33.75 24.89 -9.24
CA SER F 62 33.24 26.16 -8.73
C SER F 62 34.38 27.14 -8.57
N TYR F 63 34.12 28.42 -8.83
CA TYR F 63 35.13 29.46 -8.76
C TYR F 63 34.62 30.63 -7.93
N ALA F 64 35.56 31.37 -7.35
CA ALA F 64 35.21 32.57 -6.60
C ALA F 64 34.79 33.68 -7.56
N ASP F 65 34.05 34.65 -7.03
CA ASP F 65 33.57 35.75 -7.85
C ASP F 65 34.72 36.59 -8.39
N SER F 66 35.78 36.76 -7.58
CA SER F 66 36.89 37.60 -8.00
C SER F 66 37.59 37.04 -9.24
N VAL F 67 37.77 35.72 -9.30
CA VAL F 67 38.57 35.09 -10.33
C VAL F 67 37.75 34.29 -11.33
N LYS F 68 36.42 34.34 -11.24
CA LYS F 68 35.61 33.61 -12.20
C LYS F 68 35.86 34.13 -13.61
N GLY F 69 36.08 33.22 -14.55
CA GLY F 69 36.36 33.58 -15.92
C GLY F 69 37.83 33.70 -16.27
N ARG F 70 38.72 33.66 -15.28
CA ARG F 70 40.16 33.68 -15.53
C ARG F 70 40.87 32.40 -15.12
N PHE F 71 40.38 31.72 -14.09
CA PHE F 71 40.97 30.47 -13.63
C PHE F 71 40.15 29.30 -14.15
N THR F 72 40.82 28.19 -14.40
CA THR F 72 40.15 26.94 -14.78
C THR F 72 40.81 25.80 -14.03
N ILE F 73 40.01 25.00 -13.34
CA ILE F 73 40.50 23.88 -12.55
C ILE F 73 40.08 22.60 -13.25
N SER F 74 41.04 21.69 -13.43
CA SER F 74 40.82 20.45 -14.15
C SER F 74 41.62 19.34 -13.50
N ALA F 75 40.99 18.18 -13.34
CA ALA F 75 41.57 17.04 -12.64
C ALA F 75 41.77 15.87 -13.60
N ASP F 76 42.81 15.08 -13.33
CA ASP F 76 43.03 13.82 -14.01
C ASP F 76 43.15 12.74 -12.95
N THR F 77 42.31 11.70 -13.06
CA THR F 77 42.20 10.70 -12.01
C THR F 77 43.22 9.58 -12.14
N SER F 78 43.80 9.38 -13.33
CA SER F 78 44.77 8.30 -13.50
C SER F 78 45.98 8.48 -12.59
N LYS F 79 46.50 9.70 -12.51
CA LYS F 79 47.67 10.00 -11.69
C LYS F 79 47.31 10.72 -10.39
N ASN F 80 46.02 10.87 -10.09
CA ASN F 80 45.58 11.55 -8.88
C ASN F 80 46.17 12.96 -8.81
N THR F 81 45.78 13.78 -9.78
CA THR F 81 46.31 15.13 -9.91
C THR F 81 45.18 16.11 -10.18
N ALA F 82 45.34 17.33 -9.70
CA ALA F 82 44.41 18.42 -9.96
C ALA F 82 45.21 19.67 -10.31
N TYR F 83 44.90 20.28 -11.45
CA TYR F 83 45.62 21.44 -11.95
C TYR F 83 44.75 22.69 -11.90
N LEU F 84 45.39 23.82 -11.61
CA LEU F 84 44.78 25.14 -11.67
C LEU F 84 45.49 25.94 -12.74
N GLN F 85 44.75 26.40 -13.74
CA GLN F 85 45.32 27.19 -14.83
C GLN F 85 44.90 28.65 -14.61
N MET F 86 45.90 29.52 -14.48
CA MET F 86 45.67 30.94 -14.22
C MET F 86 46.02 31.73 -15.45
N ASN F 87 45.08 32.54 -15.92
CA ASN F 87 45.26 33.37 -17.11
C ASN F 87 44.89 34.81 -16.81
N SER F 88 45.51 35.73 -17.54
CA SER F 88 45.26 37.15 -17.36
C SER F 88 45.52 37.59 -15.92
N LEU F 89 46.62 37.11 -15.35
CA LEU F 89 46.94 37.43 -13.97
C LEU F 89 47.15 38.93 -13.80
N ARG F 90 46.78 39.42 -12.63
CA ARG F 90 46.93 40.83 -12.25
C ARG F 90 47.89 40.96 -11.07
N ALA F 91 48.14 42.19 -10.65
CA ALA F 91 49.10 42.43 -9.59
C ALA F 91 48.66 41.82 -8.27
N GLU F 92 47.37 41.94 -7.94
CA GLU F 92 46.90 41.48 -6.63
C GLU F 92 46.89 39.96 -6.52
N ASP F 93 47.11 39.24 -7.62
CA ASP F 93 47.12 37.79 -7.57
C ASP F 93 48.33 37.23 -6.84
N THR F 94 49.30 38.07 -6.51
CA THR F 94 50.42 37.61 -5.70
C THR F 94 49.91 37.01 -4.40
N ALA F 95 50.36 35.81 -4.08
CA ALA F 95 49.85 35.12 -2.90
C ALA F 95 50.67 33.86 -2.69
N VAL F 96 50.27 33.07 -1.71
CA VAL F 96 50.75 31.71 -1.49
C VAL F 96 49.55 30.80 -1.67
N TYR F 97 49.64 29.86 -2.61
CA TYR F 97 48.51 29.02 -2.96
C TYR F 97 48.67 27.64 -2.33
N TYR F 98 47.66 27.22 -1.58
CA TYR F 98 47.62 25.88 -1.01
C TYR F 98 46.53 25.08 -1.71
N CYS F 99 46.73 23.77 -1.77
CA CYS F 99 45.71 22.83 -2.24
C CYS F 99 45.28 21.97 -1.06
N ALA F 100 43.97 21.93 -0.83
CA ALA F 100 43.40 21.22 0.32
C ALA F 100 42.37 20.21 -0.16
N ARG F 101 42.00 19.31 0.74
CA ARG F 101 41.03 18.27 0.46
C ARG F 101 39.86 18.40 1.41
N VAL F 102 38.65 18.29 0.89
CA VAL F 102 37.44 18.23 1.70
C VAL F 102 37.01 16.76 1.69
N SER F 103 37.32 16.05 2.77
CA SER F 103 37.14 14.61 2.80
C SER F 103 35.67 14.24 2.85
N TYR F 104 35.34 13.11 2.21
CA TYR F 104 34.02 12.51 2.29
C TYR F 104 34.16 11.08 2.77
N TRP F 105 33.37 10.71 3.77
CA TRP F 105 33.44 9.38 4.40
C TRP F 105 32.14 8.65 4.11
N ASP F 106 32.23 7.57 3.33
CA ASP F 106 31.03 6.83 2.94
C ASP F 106 30.36 6.19 4.13
N TRP F 107 31.14 5.66 5.07
CA TRP F 107 30.55 4.93 6.19
C TRP F 107 29.63 5.81 7.03
N THR F 108 29.75 7.13 6.92
CA THR F 108 28.82 8.08 7.50
C THR F 108 28.06 8.72 6.35
N TRP F 109 26.97 8.08 5.91
CA TRP F 109 26.13 8.63 4.87
C TRP F 109 24.81 9.15 5.42
N GLY F 110 24.05 8.30 6.13
CA GLY F 110 22.79 8.76 6.68
C GLY F 110 22.97 9.81 7.75
N TRP F 111 24.01 9.67 8.57
CA TRP F 111 24.26 10.55 9.72
C TRP F 111 25.68 11.08 9.58
N SER F 112 25.84 12.17 8.85
CA SER F 112 27.14 12.74 8.54
C SER F 112 27.19 14.18 9.02
N LYS F 113 28.40 14.76 8.96
CA LYS F 113 28.66 16.12 9.39
C LYS F 113 29.08 16.95 8.19
N TYR F 114 29.44 18.21 8.45
CA TYR F 114 29.88 19.14 7.42
C TYR F 114 31.41 19.12 7.41
N GLU F 115 31.98 18.25 6.59
CA GLU F 115 33.42 18.03 6.59
C GLU F 115 34.16 19.30 6.16
N GLY F 116 35.32 19.51 6.76
CA GLY F 116 36.18 20.63 6.44
C GLY F 116 37.50 20.18 5.82
N MET F 117 38.30 21.18 5.45
CA MET F 117 39.56 20.95 4.75
C MET F 117 40.60 20.43 5.74
N ASP F 118 40.49 19.13 6.04
CA ASP F 118 41.37 18.53 7.04
C ASP F 118 42.82 18.53 6.60
N TYR F 119 43.10 18.15 5.35
CA TYR F 119 44.46 17.98 4.86
C TYR F 119 44.80 19.10 3.88
N TRP F 120 45.95 19.73 4.10
CA TRP F 120 46.43 20.86 3.31
C TRP F 120 47.77 20.50 2.68
N GLY F 121 48.33 21.46 1.95
CA GLY F 121 49.66 21.30 1.39
C GLY F 121 50.50 22.53 1.70
N GLN F 122 51.81 22.37 1.54
CA GLN F 122 52.73 23.46 1.86
C GLN F 122 52.49 24.67 0.96
N GLY F 123 51.99 24.45 -0.24
CA GLY F 123 51.64 25.55 -1.11
C GLY F 123 52.84 26.28 -1.68
N THR F 124 52.67 26.89 -2.85
CA THR F 124 53.75 27.54 -3.57
C THR F 124 53.50 29.03 -3.66
N LEU F 125 54.59 29.80 -3.63
CA LEU F 125 54.51 31.25 -3.69
C LEU F 125 54.45 31.70 -5.14
N VAL F 126 53.36 32.37 -5.50
CA VAL F 126 53.17 32.90 -6.85
C VAL F 126 53.35 34.42 -6.78
N THR F 127 54.27 34.94 -7.57
CA THR F 127 54.53 36.37 -7.64
C THR F 127 54.14 36.89 -9.01
N VAL F 128 53.63 38.11 -9.05
CA VAL F 128 53.19 38.75 -10.28
C VAL F 128 53.83 40.14 -10.30
N SER F 129 54.97 40.27 -10.96
CA SER F 129 55.67 41.55 -11.03
C SER F 129 55.13 42.41 -12.17
#